data_5XSS
#
_entry.id   5XSS
#
_cell.length_a   67.541
_cell.length_b   68.059
_cell.length_c   76.677
_cell.angle_alpha   89.89
_cell.angle_beta   65.15
_cell.angle_gamma   87.33
#
_symmetry.space_group_name_H-M   'P 1'
#
loop_
_entity.id
_entity.type
_entity.pdbx_description
1 polymer 'Periplasmic binding protein/LacI transcriptional regulator'
2 non-polymer beta-D-xylopyranose
3 water water
#
_entity_poly.entity_id   1
_entity_poly.type   'polypeptide(L)'
_entity_poly.pdbx_seq_one_letter_code
;MGSSHHHHHHSQGSNLLRDKKVEKEPIKPKIVLISHIKTNPYWLDIKAGAERAAKERGAVVEFLGPTTASTEDGLKLFDM
ATSAKVSGIITYVQEEGQYKKKINSAMEKGIPVVTIDSDEEDSNRIAYVGTDNVLAGQVAGKEMVKQIGTSGNVAIVMGG
KNVKNQKERVEGFTQYIKSNSNLKIVDTDSSDAMLLEAEIITRKILNRNDNINALFCTSALDGIGAARAVKDLNYKDRVK
IICFDDLDDTLSNIRNGLVSATIVQKSNEMGYRAVNIIMDKIEGKSNKFSKSLIDVNVINKSDVDSYKRGDDKVEN
;
_entity_poly.pdbx_strand_id   X,A,B,C
#
# COMPACT_ATOMS: atom_id res chain seq x y z
N LYS A 28 -22.25 -36.98 4.60
CA LYS A 28 -21.19 -36.47 3.66
C LYS A 28 -20.72 -35.04 3.99
N PRO A 29 -19.42 -34.86 4.24
CA PRO A 29 -18.79 -33.54 4.39
C PRO A 29 -18.98 -32.69 3.14
N LYS A 30 -19.43 -31.46 3.31
CA LYS A 30 -19.60 -30.55 2.19
C LYS A 30 -18.53 -29.46 2.18
N ILE A 31 -17.88 -29.33 1.04
CA ILE A 31 -16.80 -28.37 0.90
C ILE A 31 -17.12 -27.37 -0.20
N VAL A 32 -17.16 -26.10 0.16
CA VAL A 32 -17.41 -25.07 -0.82
C VAL A 32 -16.10 -24.64 -1.50
N LEU A 33 -16.12 -24.59 -2.81
CA LEU A 33 -14.98 -24.09 -3.56
C LEU A 33 -15.42 -22.81 -4.25
N ILE A 34 -14.80 -21.68 -3.94
CA ILE A 34 -15.21 -20.39 -4.51
C ILE A 34 -14.17 -19.92 -5.52
N SER A 35 -14.58 -19.82 -6.78
CA SER A 35 -13.68 -19.51 -7.87
C SER A 35 -13.67 -18.02 -8.19
N HIS A 36 -12.63 -17.60 -8.91
CA HIS A 36 -12.57 -16.26 -9.49
C HIS A 36 -13.74 -16.01 -10.44
N ILE A 37 -13.82 -16.84 -11.47
CA ILE A 37 -14.87 -16.80 -12.48
C ILE A 37 -15.31 -18.24 -12.77
N LYS A 38 -16.58 -18.52 -12.54
CA LYS A 38 -17.10 -19.90 -12.54
C LYS A 38 -16.94 -20.63 -13.88
N THR A 39 -16.96 -19.88 -14.99
CA THR A 39 -16.96 -20.50 -16.33
C THR A 39 -15.57 -20.52 -16.98
N ASN A 40 -14.57 -19.92 -16.34
CA ASN A 40 -13.21 -19.87 -16.88
C ASN A 40 -12.62 -21.29 -16.90
N PRO A 41 -12.08 -21.74 -18.06
CA PRO A 41 -11.54 -23.11 -18.20
C PRO A 41 -10.45 -23.47 -17.18
N TYR A 42 -9.71 -22.47 -16.73
CA TYR A 42 -8.70 -22.67 -15.70
C TYR A 42 -9.37 -23.20 -14.43
N TRP A 43 -10.48 -22.56 -14.07
CA TRP A 43 -11.21 -22.93 -12.87
C TRP A 43 -12.01 -24.21 -13.05
N LEU A 44 -12.36 -24.53 -14.29
CA LEU A 44 -12.99 -25.82 -14.54
C LEU A 44 -11.95 -26.94 -14.38
N ASP A 45 -10.69 -26.63 -14.69
CA ASP A 45 -9.63 -27.60 -14.43
C ASP A 45 -9.43 -27.79 -12.90
N ILE A 46 -9.40 -26.67 -12.19
CA ILE A 46 -9.35 -26.75 -10.74
C ILE A 46 -10.51 -27.60 -10.17
N LYS A 47 -11.72 -27.33 -10.64
CA LYS A 47 -12.89 -28.08 -10.23
C LYS A 47 -12.70 -29.57 -10.48
N ALA A 48 -12.16 -29.94 -11.64
CA ALA A 48 -11.95 -31.35 -11.94
C ALA A 48 -11.04 -32.02 -10.92
N GLY A 49 -9.96 -31.33 -10.54
CA GLY A 49 -9.06 -31.88 -9.53
C GLY A 49 -9.75 -32.05 -8.18
N ALA A 50 -10.51 -31.01 -7.81
CA ALA A 50 -11.27 -31.02 -6.57
C ALA A 50 -12.27 -32.17 -6.50
N GLU A 51 -12.97 -32.42 -7.60
CA GLU A 51 -13.99 -33.48 -7.64
C GLU A 51 -13.31 -34.84 -7.57
N ARG A 52 -12.15 -34.99 -8.21
CA ARG A 52 -11.42 -36.26 -8.10
C ARG A 52 -11.08 -36.53 -6.63
N ALA A 53 -10.52 -35.53 -5.97
CA ALA A 53 -10.23 -35.67 -4.53
C ALA A 53 -11.50 -35.99 -3.72
N ALA A 54 -12.60 -35.29 -4.00
CA ALA A 54 -13.83 -35.50 -3.25
C ALA A 54 -14.37 -36.92 -3.43
N LYS A 55 -14.25 -37.43 -4.65
CA LYS A 55 -14.65 -38.79 -4.96
C LYS A 55 -13.83 -39.76 -4.13
N GLU A 56 -12.52 -39.53 -4.08
CA GLU A 56 -11.65 -40.47 -3.36
C GLU A 56 -11.84 -40.41 -1.86
N ARG A 57 -12.14 -39.22 -1.35
CA ARG A 57 -12.22 -38.99 0.09
C ARG A 57 -13.65 -39.10 0.63
N GLY A 58 -14.60 -39.28 -0.27
CA GLY A 58 -16.01 -39.31 0.11
C GLY A 58 -16.56 -37.98 0.58
N ALA A 59 -16.26 -36.90 -0.12
CA ALA A 59 -16.85 -35.61 0.21
C ALA A 59 -17.65 -35.08 -0.98
N VAL A 60 -18.47 -34.06 -0.75
CA VAL A 60 -19.15 -33.37 -1.85
C VAL A 60 -18.53 -32.00 -2.01
N VAL A 61 -18.22 -31.65 -3.26
CA VAL A 61 -17.72 -30.33 -3.61
C VAL A 61 -18.83 -29.47 -4.20
N GLU A 62 -19.14 -28.36 -3.53
CA GLU A 62 -20.02 -27.38 -4.14
C GLU A 62 -19.16 -26.28 -4.81
N PHE A 63 -19.18 -26.28 -6.14
CA PHE A 63 -18.34 -25.38 -6.91
C PHE A 63 -19.12 -24.10 -7.23
N LEU A 64 -18.68 -22.98 -6.66
CA LEU A 64 -19.39 -21.71 -6.79
C LEU A 64 -18.53 -20.61 -7.40
N GLY A 65 -19.16 -19.52 -7.82
CA GLY A 65 -18.42 -18.35 -8.25
C GLY A 65 -19.29 -17.46 -9.10
N PRO A 66 -18.88 -16.19 -9.24
CA PRO A 66 -19.60 -15.26 -10.11
C PRO A 66 -19.29 -15.55 -11.59
N THR A 67 -20.14 -15.05 -12.49
CA THR A 67 -19.92 -15.19 -13.93
C THR A 67 -18.99 -14.10 -14.44
N THR A 68 -18.91 -13.02 -13.68
CA THR A 68 -18.00 -11.92 -13.96
C THR A 68 -17.20 -11.68 -12.69
N ALA A 69 -15.90 -11.44 -12.80
CA ALA A 69 -15.05 -11.24 -11.61
C ALA A 69 -15.63 -10.16 -10.69
N SER A 70 -15.76 -10.51 -9.41
CA SER A 70 -16.36 -9.60 -8.44
C SER A 70 -15.98 -9.99 -7.01
N THR A 71 -15.19 -9.14 -6.37
CA THR A 71 -14.78 -9.41 -5.00
C THR A 71 -15.99 -9.50 -4.09
N GLU A 72 -16.94 -8.58 -4.25
CA GLU A 72 -18.11 -8.60 -3.36
C GLU A 72 -18.93 -9.89 -3.52
N ASP A 73 -19.03 -10.40 -4.74
CA ASP A 73 -19.78 -11.64 -4.98
C ASP A 73 -19.09 -12.82 -4.29
N GLY A 74 -17.77 -12.88 -4.44
CA GLY A 74 -16.97 -13.90 -3.75
C GLY A 74 -17.19 -13.86 -2.25
N LEU A 75 -17.12 -12.66 -1.68
CA LEU A 75 -17.30 -12.51 -0.24
C LEU A 75 -18.71 -12.91 0.18
N LYS A 76 -19.68 -12.65 -0.67
CA LYS A 76 -21.06 -13.04 -0.36
C LYS A 76 -21.21 -14.56 -0.36
N LEU A 77 -20.58 -15.21 -1.34
CA LEU A 77 -20.57 -16.67 -1.37
C LEU A 77 -19.90 -17.23 -0.12
N PHE A 78 -18.83 -16.57 0.31
CA PHE A 78 -18.12 -16.97 1.52
C PHE A 78 -19.04 -16.83 2.75
N ASP A 79 -19.71 -15.70 2.87
CA ASP A 79 -20.71 -15.50 3.91
C ASP A 79 -21.79 -16.57 3.95
N MET A 80 -22.33 -16.91 2.79
CA MET A 80 -23.39 -17.91 2.72
C MET A 80 -22.87 -19.27 3.11
N ALA A 81 -21.65 -19.60 2.66
CA ALA A 81 -21.05 -20.87 3.02
C ALA A 81 -20.88 -20.95 4.53
N THR A 82 -20.47 -19.83 5.13
CA THR A 82 -20.26 -19.76 6.57
C THR A 82 -21.57 -19.93 7.33
N SER A 83 -22.60 -19.19 6.92
CA SER A 83 -23.92 -19.30 7.53
C SER A 83 -24.49 -20.71 7.42
N ALA A 84 -24.18 -21.39 6.32
CA ALA A 84 -24.69 -22.73 6.06
C ALA A 84 -23.94 -23.80 6.87
N LYS A 85 -22.86 -23.39 7.52
CA LYS A 85 -22.06 -24.29 8.36
C LYS A 85 -21.48 -25.48 7.59
N VAL A 86 -20.95 -25.21 6.40
CA VAL A 86 -20.36 -26.27 5.58
C VAL A 86 -19.13 -26.84 6.29
N SER A 87 -18.65 -27.98 5.81
CA SER A 87 -17.53 -28.68 6.44
C SER A 87 -16.18 -28.00 6.17
N GLY A 88 -16.09 -27.27 5.07
CA GLY A 88 -14.86 -26.62 4.71
C GLY A 88 -15.05 -25.64 3.57
N ILE A 89 -14.17 -24.65 3.51
CA ILE A 89 -14.22 -23.63 2.47
C ILE A 89 -12.85 -23.47 1.80
N ILE A 90 -12.85 -23.62 0.48
CA ILE A 90 -11.65 -23.36 -0.30
C ILE A 90 -11.95 -22.10 -1.11
N THR A 91 -11.15 -21.06 -0.95
CA THR A 91 -11.54 -19.83 -1.61
C THR A 91 -10.43 -19.10 -2.36
N TYR A 92 -10.82 -18.56 -3.50
CA TYR A 92 -9.97 -17.67 -4.26
C TYR A 92 -9.96 -16.31 -3.56
N VAL A 93 -8.81 -15.65 -3.55
CA VAL A 93 -8.69 -14.31 -2.93
C VAL A 93 -8.44 -13.24 -3.98
N GLN A 94 -9.44 -12.42 -4.28
CA GLN A 94 -9.33 -11.45 -5.38
C GLN A 94 -8.57 -10.18 -4.99
N GLU A 95 -8.62 -9.79 -3.72
CA GLU A 95 -7.99 -8.54 -3.28
C GLU A 95 -7.41 -8.65 -1.89
N GLU A 96 -6.18 -8.16 -1.74
CA GLU A 96 -5.49 -8.20 -0.47
C GLU A 96 -6.24 -7.46 0.64
N GLY A 97 -6.30 -8.08 1.80
CA GLY A 97 -6.88 -7.48 2.99
C GLY A 97 -8.40 -7.55 3.05
N GLN A 98 -9.03 -7.99 1.97
CA GLN A 98 -10.49 -7.96 1.91
C GLN A 98 -11.13 -9.24 2.43
N TYR A 99 -10.31 -10.25 2.69
CA TYR A 99 -10.81 -11.58 3.04
C TYR A 99 -10.46 -11.99 4.47
N LYS A 100 -9.46 -11.33 5.02
CA LYS A 100 -8.92 -11.66 6.34
C LYS A 100 -10.02 -11.83 7.41
N LYS A 101 -10.88 -10.84 7.54
CA LYS A 101 -11.94 -10.87 8.54
C LYS A 101 -12.85 -12.09 8.41
N LYS A 102 -13.33 -12.37 7.21
CA LYS A 102 -14.29 -13.46 7.05
C LYS A 102 -13.64 -14.82 7.20
N ILE A 103 -12.39 -14.92 6.73
CA ILE A 103 -11.62 -16.15 6.92
C ILE A 103 -11.41 -16.44 8.39
N ASN A 104 -10.99 -15.41 9.13
CA ASN A 104 -10.72 -15.58 10.57
C ASN A 104 -12.01 -15.88 11.34
N SER A 105 -13.10 -15.21 10.98
CA SER A 105 -14.40 -15.49 11.58
C SER A 105 -14.86 -16.91 11.27
N ALA A 106 -14.55 -17.43 10.08
CA ALA A 106 -14.96 -18.79 9.78
C ALA A 106 -14.10 -19.79 10.56
N MET A 107 -12.81 -19.50 10.70
CA MET A 107 -11.93 -20.35 11.48
C MET A 107 -12.38 -20.36 12.94
N GLU A 108 -12.85 -19.23 13.44
CA GLU A 108 -13.23 -19.12 14.84
C GLU A 108 -14.53 -19.88 15.08
N LYS A 109 -15.32 -20.07 14.02
CA LYS A 109 -16.53 -20.87 14.10
C LYS A 109 -16.23 -22.34 13.88
N GLY A 110 -14.95 -22.67 13.75
CA GLY A 110 -14.54 -24.05 13.56
C GLY A 110 -14.60 -24.55 12.13
N ILE A 111 -14.68 -23.64 11.17
CA ILE A 111 -14.68 -24.04 9.76
C ILE A 111 -13.31 -23.81 9.15
N PRO A 112 -12.67 -24.89 8.71
CA PRO A 112 -11.35 -24.77 8.07
C PRO A 112 -11.41 -24.05 6.70
N VAL A 113 -10.48 -23.13 6.50
CA VAL A 113 -10.37 -22.40 5.24
C VAL A 113 -9.03 -22.66 4.55
N VAL A 114 -9.09 -23.00 3.26
CA VAL A 114 -7.90 -23.03 2.42
C VAL A 114 -8.02 -21.94 1.36
N THR A 115 -6.94 -21.25 1.06
CA THR A 115 -7.00 -20.32 -0.05
C THR A 115 -6.40 -21.01 -1.28
N ILE A 116 -6.87 -20.64 -2.47
CA ILE A 116 -6.40 -21.30 -3.68
C ILE A 116 -6.14 -20.27 -4.78
N ASP A 117 -5.00 -20.44 -5.48
CA ASP A 117 -4.66 -19.70 -6.69
C ASP A 117 -4.55 -18.16 -6.53
N SER A 118 -4.73 -17.69 -5.30
CA SER A 118 -4.29 -16.40 -4.78
C SER A 118 -4.44 -16.37 -3.27
N ASP A 119 -3.46 -15.84 -2.54
CA ASP A 119 -3.45 -16.03 -1.08
C ASP A 119 -3.95 -14.78 -0.33
N GLU A 120 -4.38 -14.96 0.92
CA GLU A 120 -4.59 -13.84 1.83
C GLU A 120 -3.62 -14.03 2.98
N GLU A 121 -2.34 -13.72 2.75
CA GLU A 121 -1.28 -14.18 3.67
C GLU A 121 -1.51 -13.79 5.13
N ASP A 122 -2.14 -12.64 5.35
CA ASP A 122 -2.32 -12.12 6.70
C ASP A 122 -3.65 -12.61 7.31
N SER A 123 -3.87 -13.92 7.31
CA SER A 123 -5.07 -14.50 7.91
C SER A 123 -4.74 -15.84 8.53
N ASN A 124 -5.74 -16.49 9.12
CA ASN A 124 -5.53 -17.77 9.79
C ASN A 124 -5.85 -18.99 8.93
N ARG A 125 -5.93 -18.82 7.62
CA ARG A 125 -6.27 -19.95 6.74
C ARG A 125 -5.21 -21.00 7.03
N ILE A 126 -5.60 -22.28 7.03
CA ILE A 126 -4.69 -23.34 7.40
C ILE A 126 -3.66 -23.64 6.32
N ALA A 127 -3.96 -23.31 5.06
CA ALA A 127 -2.99 -23.52 3.99
C ALA A 127 -3.33 -22.72 2.74
N TYR A 128 -2.31 -22.42 1.95
CA TYR A 128 -2.51 -21.79 0.64
C TYR A 128 -2.09 -22.79 -0.42
N VAL A 129 -2.96 -23.04 -1.37
CA VAL A 129 -2.62 -23.93 -2.46
C VAL A 129 -2.53 -23.12 -3.74
N GLY A 130 -1.32 -22.90 -4.24
CA GLY A 130 -1.17 -22.14 -5.47
C GLY A 130 0.26 -21.75 -5.74
N THR A 131 0.41 -20.84 -6.70
CA THR A 131 1.72 -20.36 -7.16
C THR A 131 2.25 -19.21 -6.26
N ASP A 132 3.57 -19.11 -6.14
CA ASP A 132 4.24 -17.85 -5.72
C ASP A 132 4.16 -16.84 -6.88
N ASN A 133 3.20 -15.92 -6.81
CA ASN A 133 2.84 -15.15 -8.00
C ASN A 133 3.87 -14.09 -8.43
N VAL A 134 4.50 -13.41 -7.47
CA VAL A 134 5.63 -12.54 -7.79
C VAL A 134 6.74 -13.33 -8.47
N LEU A 135 7.03 -14.51 -7.93
CA LEU A 135 8.07 -15.38 -8.49
C LEU A 135 7.71 -15.79 -9.93
N ALA A 136 6.44 -16.12 -10.16
CA ALA A 136 5.99 -16.49 -11.49
C ALA A 136 6.17 -15.32 -12.43
N GLY A 137 5.97 -14.12 -11.92
CA GLY A 137 6.23 -12.94 -12.72
C GLY A 137 7.71 -12.84 -13.10
N GLN A 138 8.62 -13.11 -12.19
CA GLN A 138 10.08 -13.07 -12.41
C GLN A 138 10.43 -14.07 -13.47
N VAL A 139 9.84 -15.24 -13.35
CA VAL A 139 10.04 -16.32 -14.33
C VAL A 139 9.62 -15.87 -15.74
N ALA A 140 8.46 -15.24 -15.84
CA ALA A 140 8.04 -14.66 -17.13
C ALA A 140 9.00 -13.58 -17.65
N GLY A 141 9.56 -12.79 -16.73
CA GLY A 141 10.51 -11.75 -17.13
C GLY A 141 11.76 -12.36 -17.74
N LYS A 142 12.27 -13.42 -17.11
CA LYS A 142 13.45 -14.12 -17.63
C LYS A 142 13.17 -14.72 -19.00
N GLU A 143 12.00 -15.35 -19.16
CA GLU A 143 11.64 -15.89 -20.49
C GLU A 143 11.49 -14.79 -21.54
N MET A 144 10.95 -13.64 -21.14
CA MET A 144 10.77 -12.51 -22.05
C MET A 144 12.13 -12.03 -22.56
N VAL A 145 13.08 -11.88 -21.65
CA VAL A 145 14.42 -11.47 -22.04
C VAL A 145 15.06 -12.53 -22.95
N LYS A 146 14.83 -13.79 -22.70
CA LYS A 146 15.31 -14.83 -23.54
C LYS A 146 14.70 -14.77 -24.96
N GLN A 147 13.45 -14.41 -25.04
CA GLN A 147 12.74 -14.41 -26.31
C GLN A 147 13.03 -13.17 -27.17
N ILE A 148 13.12 -11.98 -26.56
CA ILE A 148 13.33 -10.79 -27.40
C ILE A 148 14.60 -10.02 -27.07
N GLY A 149 15.35 -10.47 -26.08
CA GLY A 149 16.59 -9.79 -25.73
C GLY A 149 16.39 -8.70 -24.70
N THR A 150 17.34 -7.76 -24.62
CA THR A 150 17.37 -6.80 -23.53
C THR A 150 16.93 -5.42 -23.94
N SER A 151 16.64 -5.21 -25.22
CA SER A 151 16.07 -3.93 -25.64
C SER A 151 14.79 -4.15 -26.45
N GLY A 152 13.88 -3.19 -26.33
CA GLY A 152 12.58 -3.33 -26.96
C GLY A 152 11.44 -2.87 -26.06
N ASN A 153 10.25 -2.92 -26.62
CA ASN A 153 9.05 -2.44 -25.95
C ASN A 153 8.04 -3.55 -25.71
N VAL A 154 7.56 -3.57 -24.49
CA VAL A 154 6.63 -4.58 -24.02
C VAL A 154 5.31 -3.91 -23.62
N ALA A 155 4.19 -4.54 -23.97
CA ALA A 155 2.92 -4.10 -23.42
C ALA A 155 2.33 -5.23 -22.58
N ILE A 156 1.58 -4.85 -21.55
CA ILE A 156 1.03 -5.83 -20.64
C ILE A 156 -0.49 -5.90 -20.67
N VAL A 157 -1.02 -7.11 -20.75
CA VAL A 157 -2.47 -7.33 -20.67
C VAL A 157 -2.75 -8.17 -19.41
N MET A 158 -3.41 -7.58 -18.42
CA MET A 158 -3.64 -8.30 -17.18
C MET A 158 -5.14 -8.57 -17.01
N GLY A 159 -5.47 -9.60 -16.23
CA GLY A 159 -6.86 -10.02 -16.05
C GLY A 159 -7.52 -9.36 -14.86
N GLY A 160 -7.69 -8.05 -14.94
CA GLY A 160 -8.17 -7.27 -13.82
C GLY A 160 -7.03 -6.43 -13.25
N LYS A 161 -7.20 -5.11 -13.33
CA LYS A 161 -6.20 -4.15 -12.87
C LYS A 161 -5.92 -4.23 -11.37
N ASN A 162 -6.97 -4.44 -10.59
CA ASN A 162 -6.86 -4.41 -9.14
C ASN A 162 -6.94 -5.81 -8.53
N VAL A 163 -6.57 -6.82 -9.33
CA VAL A 163 -6.68 -8.20 -8.88
C VAL A 163 -5.33 -8.67 -8.32
N LYS A 164 -5.37 -9.21 -7.12
CA LYS A 164 -4.15 -9.48 -6.33
C LYS A 164 -3.06 -10.29 -7.05
N ASN A 165 -3.39 -11.46 -7.59
CA ASN A 165 -2.31 -12.25 -8.19
C ASN A 165 -1.88 -11.72 -9.56
N GLN A 166 -2.72 -10.88 -10.18
CA GLN A 166 -2.34 -10.19 -11.41
C GLN A 166 -1.32 -9.09 -11.13
N LYS A 167 -1.62 -8.26 -10.13
CA LYS A 167 -0.67 -7.25 -9.66
C LYS A 167 0.64 -7.88 -9.23
N GLU A 168 0.56 -9.01 -8.53
CA GLU A 168 1.78 -9.70 -8.09
C GLU A 168 2.61 -10.17 -9.28
N ARG A 169 1.94 -10.74 -10.27
CA ARG A 169 2.67 -11.17 -11.47
C ARG A 169 3.31 -10.00 -12.22
N VAL A 170 2.58 -8.90 -12.32
CA VAL A 170 3.14 -7.73 -12.97
C VAL A 170 4.32 -7.16 -12.16
N GLU A 171 4.22 -7.24 -10.83
CA GLU A 171 5.27 -6.73 -9.96
C GLU A 171 6.57 -7.53 -10.16
N GLY A 172 6.46 -8.85 -10.18
CA GLY A 172 7.64 -9.67 -10.36
C GLY A 172 8.24 -9.48 -11.75
N PHE A 173 7.38 -9.40 -12.76
CA PHE A 173 7.84 -9.20 -14.13
C PHE A 173 8.59 -7.87 -14.25
N THR A 174 8.00 -6.82 -13.70
CA THR A 174 8.56 -5.48 -13.78
C THR A 174 9.91 -5.42 -13.06
N GLN A 175 9.97 -5.97 -11.85
CA GLN A 175 11.24 -5.98 -11.10
C GLN A 175 12.34 -6.67 -11.91
N TYR A 176 11.99 -7.84 -12.45
CA TYR A 176 12.98 -8.60 -13.20
C TYR A 176 13.51 -7.82 -14.38
N ILE A 177 12.63 -7.28 -15.22
CA ILE A 177 13.13 -6.67 -16.46
C ILE A 177 13.81 -5.32 -16.18
N LYS A 178 13.38 -4.67 -15.11
CA LYS A 178 14.05 -3.46 -14.63
C LYS A 178 15.52 -3.73 -14.30
N SER A 179 15.78 -4.82 -13.57
CA SER A 179 17.16 -5.10 -13.14
C SER A 179 17.99 -5.85 -14.18
N ASN A 180 17.32 -6.51 -15.12
CA ASN A 180 18.03 -7.46 -15.97
C ASN A 180 18.00 -7.14 -17.46
N SER A 181 17.45 -5.99 -17.81
CA SER A 181 17.39 -5.60 -19.22
C SER A 181 17.16 -4.11 -19.36
N ASN A 182 16.99 -3.67 -20.60
CA ASN A 182 16.60 -2.29 -20.91
C ASN A 182 15.19 -2.23 -21.48
N LEU A 183 14.46 -3.34 -21.38
CA LEU A 183 13.07 -3.41 -21.85
C LEU A 183 12.20 -2.34 -21.22
N LYS A 184 11.38 -1.71 -22.04
CA LYS A 184 10.46 -0.68 -21.57
C LYS A 184 9.02 -1.19 -21.62
N ILE A 185 8.30 -1.03 -20.52
CA ILE A 185 6.86 -1.30 -20.52
C ILE A 185 6.12 -0.05 -20.97
N VAL A 186 5.54 -0.06 -22.17
CA VAL A 186 4.98 1.16 -22.74
C VAL A 186 3.47 1.27 -22.57
N ASP A 187 2.84 0.19 -22.13
CA ASP A 187 1.38 0.14 -22.06
C ASP A 187 0.99 -1.03 -21.16
N THR A 188 -0.02 -0.81 -20.33
CA THR A 188 -0.55 -1.84 -19.45
C THR A 188 -2.04 -1.64 -19.43
N ASP A 189 -2.80 -2.67 -19.75
CA ASP A 189 -4.24 -2.53 -19.67
C ASP A 189 -4.86 -3.85 -19.23
N SER A 190 -6.19 -3.88 -19.14
CA SER A 190 -6.89 -4.96 -18.49
C SER A 190 -7.95 -5.59 -19.37
N SER A 191 -8.10 -6.90 -19.27
CA SER A 191 -9.13 -7.65 -19.95
C SER A 191 -10.26 -8.04 -18.99
N ASP A 192 -10.05 -7.76 -17.71
CA ASP A 192 -10.89 -8.32 -16.64
C ASP A 192 -11.01 -9.84 -16.77
N ALA A 193 -9.96 -10.47 -17.27
CA ALA A 193 -9.85 -11.93 -17.41
C ALA A 193 -10.91 -12.56 -18.35
N MET A 194 -11.51 -11.75 -19.22
CA MET A 194 -12.44 -12.26 -20.24
C MET A 194 -11.78 -12.33 -21.62
N LEU A 195 -12.12 -13.35 -22.40
CA LEU A 195 -11.48 -13.57 -23.70
C LEU A 195 -11.77 -12.46 -24.73
N LEU A 196 -13.03 -12.08 -24.88
CA LEU A 196 -13.38 -11.08 -25.89
C LEU A 196 -12.76 -9.74 -25.53
N GLU A 197 -12.84 -9.38 -24.25
CA GLU A 197 -12.27 -8.12 -23.81
C GLU A 197 -10.74 -8.15 -23.99
N ALA A 198 -10.12 -9.31 -23.82
CA ALA A 198 -8.69 -9.46 -24.08
C ALA A 198 -8.35 -9.16 -25.55
N GLU A 199 -9.17 -9.69 -26.45
CA GLU A 199 -8.97 -9.40 -27.86
C GLU A 199 -9.13 -7.90 -28.19
N ILE A 200 -10.21 -7.31 -27.68
CA ILE A 200 -10.49 -5.90 -27.90
C ILE A 200 -9.39 -4.99 -27.36
N ILE A 201 -8.98 -5.25 -26.12
CA ILE A 201 -7.98 -4.39 -25.50
C ILE A 201 -6.63 -4.57 -26.20
N THR A 202 -6.34 -5.79 -26.65
CA THR A 202 -5.05 -5.99 -27.29
C THR A 202 -5.01 -5.26 -28.63
N ARG A 203 -6.12 -5.31 -29.37
CA ARG A 203 -6.19 -4.50 -30.60
C ARG A 203 -6.02 -3.02 -30.26
N LYS A 204 -6.62 -2.55 -29.18
CA LYS A 204 -6.47 -1.14 -28.81
C LYS A 204 -5.01 -0.80 -28.48
N ILE A 205 -4.33 -1.72 -27.82
CA ILE A 205 -2.93 -1.50 -27.46
C ILE A 205 -2.03 -1.45 -28.70
N LEU A 206 -2.23 -2.38 -29.64
CA LEU A 206 -1.39 -2.42 -30.84
C LEU A 206 -1.60 -1.21 -31.74
N ASN A 207 -2.80 -0.70 -31.75
CA ASN A 207 -3.21 0.50 -32.44
C ASN A 207 -2.66 1.85 -31.88
N ARG A 208 -2.53 2.00 -30.59
CA ARG A 208 -2.09 3.25 -29.99
C ARG A 208 -0.60 3.29 -29.64
N ASN A 209 0.11 2.27 -30.01
CA ASN A 209 1.56 2.14 -29.81
C ASN A 209 2.27 1.76 -31.11
N ASP A 210 3.38 2.41 -31.40
CA ASP A 210 3.97 2.27 -32.72
C ASP A 210 5.06 1.20 -32.83
N ASN A 211 5.68 0.82 -31.72
CA ASN A 211 6.78 -0.14 -31.79
C ASN A 211 6.76 -1.22 -30.70
N ILE A 212 5.65 -1.93 -30.57
CA ILE A 212 5.58 -3.01 -29.60
C ILE A 212 6.30 -4.26 -30.08
N ASN A 213 7.25 -4.75 -29.29
CA ASN A 213 7.99 -5.95 -29.64
C ASN A 213 7.41 -7.18 -28.96
N ALA A 214 6.80 -7.01 -27.81
CA ALA A 214 6.15 -8.19 -27.19
C ALA A 214 4.97 -7.86 -26.29
N LEU A 215 4.15 -8.87 -26.06
CA LEU A 215 3.04 -8.80 -25.13
C LEU A 215 3.25 -9.78 -23.99
N PHE A 216 3.01 -9.29 -22.77
CA PHE A 216 2.98 -10.12 -21.59
C PHE A 216 1.52 -10.23 -21.14
N CYS A 217 0.97 -11.44 -21.17
CA CYS A 217 -0.42 -11.72 -20.75
C CYS A 217 -0.47 -12.58 -19.47
N THR A 218 -1.16 -12.07 -18.45
CA THR A 218 -1.01 -12.61 -17.09
C THR A 218 -2.17 -13.46 -16.56
N SER A 219 -3.29 -13.56 -17.28
CA SER A 219 -4.31 -14.58 -16.92
C SER A 219 -4.65 -15.46 -18.14
N ALA A 220 -5.25 -16.61 -17.84
CA ALA A 220 -5.37 -17.73 -18.78
C ALA A 220 -5.95 -17.38 -20.15
N LEU A 221 -7.02 -16.59 -20.21
CA LEU A 221 -7.66 -16.27 -21.47
C LEU A 221 -6.99 -15.09 -22.21
N ASP A 222 -6.15 -14.34 -21.49
CA ASP A 222 -5.47 -13.17 -22.07
C ASP A 222 -4.58 -13.55 -23.23
N GLY A 223 -3.87 -14.65 -23.10
CA GLY A 223 -2.95 -15.06 -24.15
C GLY A 223 -3.70 -15.46 -25.41
N ILE A 224 -4.84 -16.12 -25.22
CA ILE A 224 -5.66 -16.54 -26.35
C ILE A 224 -6.22 -15.31 -27.07
N GLY A 225 -6.79 -14.38 -26.31
CA GLY A 225 -7.30 -13.14 -26.89
C GLY A 225 -6.24 -12.33 -27.61
N ALA A 226 -5.08 -12.20 -26.97
CA ALA A 226 -3.97 -11.46 -27.56
C ALA A 226 -3.53 -12.12 -28.85
N ALA A 227 -3.47 -13.44 -28.85
CA ALA A 227 -3.08 -14.19 -30.03
C ALA A 227 -4.06 -13.93 -31.19
N ARG A 228 -5.35 -13.85 -30.89
CA ARG A 228 -6.32 -13.52 -31.93
C ARG A 228 -6.06 -12.13 -32.49
N ALA A 229 -5.80 -11.17 -31.61
CA ALA A 229 -5.54 -9.81 -32.07
C ALA A 229 -4.27 -9.70 -32.91
N VAL A 230 -3.17 -10.34 -32.49
CA VAL A 230 -1.93 -10.20 -33.26
C VAL A 230 -2.07 -10.90 -34.59
N LYS A 231 -2.72 -12.07 -34.60
CA LYS A 231 -2.96 -12.77 -35.87
C LYS A 231 -3.81 -11.92 -36.83
N ASP A 232 -4.94 -11.41 -36.34
CA ASP A 232 -5.87 -10.64 -37.17
C ASP A 232 -5.25 -9.35 -37.73
N LEU A 233 -4.41 -8.68 -36.93
CA LEU A 233 -3.82 -7.41 -37.37
C LEU A 233 -2.50 -7.63 -38.13
N ASN A 234 -2.17 -8.89 -38.43
CA ASN A 234 -0.91 -9.26 -39.11
C ASN A 234 0.36 -8.79 -38.41
N TYR A 235 0.44 -9.05 -37.12
CA TYR A 235 1.58 -8.71 -36.32
C TYR A 235 2.42 -9.91 -35.95
N LYS A 236 2.04 -11.07 -36.44
CA LYS A 236 2.83 -12.24 -36.24
C LYS A 236 3.73 -12.14 -37.46
N ASP A 237 5.03 -12.01 -37.28
CA ASP A 237 5.65 -11.91 -36.00
C ASP A 237 6.42 -10.67 -36.06
N ARG A 238 5.91 -9.70 -35.37
CA ARG A 238 6.60 -8.51 -35.18
C ARG A 238 6.39 -8.47 -33.69
N VAL A 239 5.37 -9.16 -33.25
CA VAL A 239 5.02 -9.13 -31.83
C VAL A 239 5.07 -10.53 -31.24
N LYS A 240 5.93 -10.74 -30.25
CA LYS A 240 5.97 -12.03 -29.61
C LYS A 240 5.03 -12.06 -28.43
N ILE A 241 4.55 -13.25 -28.06
CA ILE A 241 3.67 -13.35 -26.91
C ILE A 241 4.18 -14.34 -25.86
N ILE A 242 4.25 -13.81 -24.64
CA ILE A 242 4.46 -14.64 -23.45
C ILE A 242 3.18 -14.54 -22.63
N CYS A 243 2.57 -15.67 -22.31
CA CYS A 243 1.31 -15.60 -21.58
C CYS A 243 1.23 -16.63 -20.47
N PHE A 244 0.06 -16.75 -19.84
CA PHE A 244 -0.12 -17.73 -18.77
C PHE A 244 -1.00 -18.95 -19.10
N ASP A 245 -0.63 -20.08 -18.48
CA ASP A 245 -1.44 -21.30 -18.42
C ASP A 245 -1.50 -22.12 -19.72
N ASP A 246 -1.86 -23.40 -19.57
CA ASP A 246 -1.75 -24.34 -20.67
C ASP A 246 -3.11 -24.79 -21.23
N LEU A 247 -4.00 -23.83 -21.48
CA LEU A 247 -5.23 -24.16 -22.17
C LEU A 247 -4.91 -24.65 -23.58
N ASP A 248 -5.81 -25.46 -24.13
CA ASP A 248 -5.58 -26.08 -25.45
C ASP A 248 -5.25 -25.06 -26.56
N ASP A 249 -5.99 -23.96 -26.61
CA ASP A 249 -5.72 -22.95 -27.63
C ASP A 249 -4.31 -22.38 -27.47
N THR A 250 -3.88 -22.17 -26.22
CA THR A 250 -2.54 -21.63 -26.00
C THR A 250 -1.47 -22.60 -26.50
N LEU A 251 -1.64 -23.88 -26.20
CA LEU A 251 -0.67 -24.89 -26.64
C LEU A 251 -0.64 -24.97 -28.16
N SER A 252 -1.77 -24.81 -28.83
CA SER A 252 -1.81 -24.75 -30.29
C SER A 252 -1.12 -23.52 -30.80
N ASN A 253 -1.31 -22.43 -30.12
CA ASN A 253 -0.65 -21.20 -30.56
C ASN A 253 0.87 -21.26 -30.40
N ILE A 254 1.32 -22.05 -29.44
CA ILE A 254 2.74 -22.26 -29.28
C ILE A 254 3.24 -23.15 -30.41
N ARG A 255 2.46 -24.18 -30.72
CA ARG A 255 2.77 -25.04 -31.87
C ARG A 255 2.89 -24.26 -33.18
N ASN A 256 1.98 -23.32 -33.43
CA ASN A 256 1.95 -22.68 -34.73
C ASN A 256 2.71 -21.36 -34.77
N GLY A 257 3.45 -21.06 -33.69
CA GLY A 257 4.33 -19.90 -33.68
C GLY A 257 3.73 -18.56 -33.25
N LEU A 258 2.43 -18.52 -33.00
CA LEU A 258 1.77 -17.30 -32.55
C LEU A 258 2.16 -16.88 -31.13
N VAL A 259 2.31 -17.86 -30.26
CA VAL A 259 2.76 -17.60 -28.88
C VAL A 259 4.16 -18.20 -28.70
N SER A 260 5.07 -17.44 -28.09
CA SER A 260 6.44 -17.90 -27.91
C SER A 260 6.58 -18.72 -26.64
N ALA A 261 5.86 -18.33 -25.60
CA ALA A 261 6.00 -19.09 -24.35
C ALA A 261 4.81 -18.92 -23.44
N THR A 262 4.55 -19.95 -22.63
CA THR A 262 3.51 -19.77 -21.62
C THR A 262 3.98 -20.31 -20.29
N ILE A 263 3.50 -19.66 -19.24
CA ILE A 263 3.88 -19.99 -17.87
C ILE A 263 2.79 -20.89 -17.29
N VAL A 264 3.13 -22.15 -17.07
CA VAL A 264 2.14 -23.16 -16.70
C VAL A 264 2.03 -23.37 -15.20
N GLN A 265 0.80 -23.24 -14.68
CA GLN A 265 0.49 -23.60 -13.29
C GLN A 265 -0.20 -24.97 -13.25
N LYS A 266 -0.16 -25.61 -12.10
CA LYS A 266 -0.74 -26.95 -11.96
C LYS A 266 -2.16 -26.88 -11.39
N SER A 267 -3.09 -26.34 -12.18
CA SER A 267 -4.45 -26.03 -11.71
C SER A 267 -5.23 -27.26 -11.21
N ASN A 268 -5.22 -28.32 -12.02
CA ASN A 268 -5.90 -29.57 -11.63
C ASN A 268 -5.40 -30.04 -10.26
N GLU A 269 -4.08 -30.06 -10.12
CA GLU A 269 -3.42 -30.48 -8.88
C GLU A 269 -3.76 -29.54 -7.71
N MET A 270 -3.98 -28.26 -7.99
CA MET A 270 -4.33 -27.33 -6.92
C MET A 270 -5.70 -27.69 -6.36
N GLY A 271 -6.65 -27.98 -7.25
CA GLY A 271 -7.97 -28.40 -6.77
C GLY A 271 -7.85 -29.66 -5.91
N TYR A 272 -7.08 -30.60 -6.45
CA TYR A 272 -6.98 -31.93 -5.83
C TYR A 272 -6.37 -31.80 -4.41
N ARG A 273 -5.28 -31.04 -4.35
CA ARG A 273 -4.56 -30.81 -3.10
C ARG A 273 -5.40 -30.04 -2.06
N ALA A 274 -6.10 -28.97 -2.48
CA ALA A 274 -6.95 -28.21 -1.57
C ALA A 274 -8.00 -29.08 -0.88
N VAL A 275 -8.66 -29.91 -1.68
CA VAL A 275 -9.69 -30.77 -1.10
C VAL A 275 -9.03 -31.78 -0.14
N ASN A 276 -7.88 -32.32 -0.52
CA ASN A 276 -7.23 -33.27 0.38
C ASN A 276 -6.79 -32.65 1.70
N ILE A 277 -6.37 -31.40 1.67
CA ILE A 277 -5.98 -30.68 2.89
C ILE A 277 -7.19 -30.46 3.81
N ILE A 278 -8.29 -29.98 3.24
CA ILE A 278 -9.52 -29.79 4.01
C ILE A 278 -9.97 -31.11 4.65
N MET A 279 -9.95 -32.18 3.87
CA MET A 279 -10.38 -33.47 4.39
C MET A 279 -9.43 -33.97 5.48
N ASP A 280 -8.12 -33.80 5.29
CA ASP A 280 -7.16 -34.19 6.33
C ASP A 280 -7.46 -33.43 7.62
N LYS A 281 -7.84 -32.16 7.48
CA LYS A 281 -8.16 -31.36 8.66
C LYS A 281 -9.41 -31.89 9.38
N ILE A 282 -10.46 -32.18 8.61
CA ILE A 282 -11.70 -32.68 9.21
C ILE A 282 -11.48 -34.03 9.88
N GLU A 283 -10.55 -34.83 9.36
CA GLU A 283 -10.30 -36.17 9.91
C GLU A 283 -9.14 -36.23 10.92
N GLY A 284 -8.60 -35.07 11.29
CA GLY A 284 -7.52 -34.98 12.24
C GLY A 284 -6.23 -35.68 11.84
N LYS A 285 -5.74 -35.40 10.64
CA LYS A 285 -4.46 -35.95 10.21
C LYS A 285 -3.06 -35.39 9.86
N SER A 286 -2.94 -34.10 9.56
CA SER A 286 -1.85 -33.14 9.75
C SER A 286 -1.72 -32.20 8.55
N SER A 292 4.77 -25.47 1.50
CA SER A 292 5.47 -25.29 0.22
C SER A 292 4.53 -24.93 -0.95
N LEU A 293 4.96 -23.95 -1.68
CA LEU A 293 4.20 -23.36 -2.78
C LEU A 293 4.44 -24.13 -4.07
N ILE A 294 3.55 -23.97 -5.04
CA ILE A 294 3.60 -24.82 -6.21
C ILE A 294 4.40 -24.18 -7.33
N ASP A 295 5.44 -24.88 -7.77
CA ASP A 295 6.30 -24.37 -8.83
C ASP A 295 5.56 -24.19 -10.18
N VAL A 296 6.15 -23.34 -11.00
CA VAL A 296 5.61 -22.99 -12.28
C VAL A 296 6.55 -23.58 -13.33
N ASN A 297 6.06 -23.89 -14.51
CA ASN A 297 6.99 -24.32 -15.57
C ASN A 297 6.84 -23.52 -16.86
N VAL A 298 7.94 -23.27 -17.56
CA VAL A 298 7.83 -22.60 -18.85
C VAL A 298 7.61 -23.61 -19.99
N ILE A 299 6.60 -23.38 -20.84
CA ILE A 299 6.48 -24.19 -22.03
C ILE A 299 6.79 -23.37 -23.31
N ASN A 300 7.72 -23.90 -24.10
CA ASN A 300 8.18 -23.34 -25.37
C ASN A 300 7.83 -24.27 -26.52
N LYS A 301 8.14 -23.84 -27.75
CA LYS A 301 7.90 -24.67 -28.92
C LYS A 301 8.67 -25.98 -28.82
N SER A 302 9.76 -25.97 -28.07
CA SER A 302 10.42 -27.20 -27.65
C SER A 302 9.43 -28.18 -26.99
N ASP A 303 8.59 -27.66 -26.11
CA ASP A 303 7.81 -28.49 -25.16
C ASP A 303 6.37 -28.82 -25.54
N PRO B 26 -27.72 -4.18 51.67
CA PRO B 26 -28.06 -4.42 50.26
C PRO B 26 -26.98 -3.91 49.30
N ILE B 27 -26.89 -4.50 48.12
CA ILE B 27 -25.78 -4.24 47.20
C ILE B 27 -26.28 -4.12 45.75
N LYS B 28 -25.38 -3.77 44.83
CA LYS B 28 -25.74 -3.06 43.61
C LYS B 28 -25.07 -3.56 42.31
N PRO B 29 -25.48 -3.01 41.14
CA PRO B 29 -24.82 -3.35 39.88
C PRO B 29 -23.32 -3.10 39.86
N LYS B 30 -22.55 -4.12 39.48
CA LYS B 30 -21.11 -3.95 39.33
C LYS B 30 -20.76 -3.76 37.86
N ILE B 31 -20.05 -2.68 37.56
CA ILE B 31 -19.66 -2.39 36.18
C ILE B 31 -18.15 -2.43 36.07
N VAL B 32 -17.66 -3.24 35.15
CA VAL B 32 -16.22 -3.33 34.93
C VAL B 32 -15.78 -2.36 33.84
N LEU B 33 -14.76 -1.58 34.14
CA LEU B 33 -14.16 -0.68 33.16
C LEU B 33 -12.73 -1.15 32.87
N ILE B 34 -12.47 -1.55 31.63
CA ILE B 34 -11.16 -2.05 31.28
C ILE B 34 -10.40 -1.02 30.45
N SER B 35 -9.29 -0.56 31.01
CA SER B 35 -8.53 0.53 30.41
C SER B 35 -7.38 0.01 29.54
N HIS B 36 -6.86 0.91 28.72
CA HIS B 36 -5.68 0.63 27.91
C HIS B 36 -4.48 0.37 28.81
N ILE B 37 -4.20 1.35 29.67
CA ILE B 37 -3.13 1.30 30.65
C ILE B 37 -3.65 1.94 31.94
N LYS B 38 -3.64 1.17 33.03
CA LYS B 38 -4.33 1.53 34.27
C LYS B 38 -3.80 2.81 34.96
N THR B 39 -2.52 3.09 34.77
CA THR B 39 -1.86 4.21 35.46
C THR B 39 -1.81 5.47 34.60
N ASN B 40 -2.18 5.35 33.33
CA ASN B 40 -2.15 6.49 32.42
C ASN B 40 -3.14 7.55 32.90
N PRO B 41 -2.70 8.82 33.03
CA PRO B 41 -3.63 9.84 33.59
C PRO B 41 -4.87 10.13 32.74
N TYR B 42 -4.79 9.85 31.45
CA TYR B 42 -5.96 9.94 30.57
C TYR B 42 -7.04 8.97 31.05
N TRP B 43 -6.62 7.76 31.36
CA TRP B 43 -7.52 6.72 31.82
C TRP B 43 -7.96 6.98 33.26
N LEU B 44 -7.13 7.67 34.02
CA LEU B 44 -7.54 8.02 35.39
C LEU B 44 -8.63 9.07 35.32
N ASP B 45 -8.58 9.91 34.29
CA ASP B 45 -9.64 10.92 34.10
C ASP B 45 -10.94 10.26 33.64
N ILE B 46 -10.83 9.31 32.71
CA ILE B 46 -11.97 8.49 32.37
C ILE B 46 -12.59 7.82 33.61
N LYS B 47 -11.74 7.26 34.48
CA LYS B 47 -12.18 6.64 35.73
C LYS B 47 -12.93 7.65 36.60
N ALA B 48 -12.42 8.88 36.68
CA ALA B 48 -13.11 9.92 37.45
C ALA B 48 -14.54 10.15 36.96
N GLY B 49 -14.70 10.29 35.65
CA GLY B 49 -16.04 10.46 35.08
C GLY B 49 -16.96 9.27 35.37
N ALA B 50 -16.41 8.08 35.19
CA ALA B 50 -17.17 6.85 35.44
C ALA B 50 -17.62 6.77 36.90
N GLU B 51 -16.75 7.18 37.81
CA GLU B 51 -17.06 7.12 39.24
C GLU B 51 -18.13 8.14 39.63
N ARG B 52 -18.13 9.31 38.97
CA ARG B 52 -19.15 10.30 39.22
C ARG B 52 -20.47 9.74 38.78
N ALA B 53 -20.52 9.18 37.59
CA ALA B 53 -21.77 8.59 37.13
C ALA B 53 -22.21 7.43 38.06
N ALA B 54 -21.26 6.63 38.53
CA ALA B 54 -21.61 5.48 39.36
C ALA B 54 -22.17 5.94 40.70
N LYS B 55 -21.64 7.05 41.21
CA LYS B 55 -22.15 7.63 42.43
C LYS B 55 -23.60 8.08 42.22
N GLU B 56 -23.85 8.76 41.10
CA GLU B 56 -25.20 9.26 40.85
C GLU B 56 -26.23 8.16 40.56
N ARG B 57 -25.78 7.03 40.03
CA ARG B 57 -26.70 6.00 39.53
C ARG B 57 -26.87 4.80 40.47
N GLY B 58 -26.12 4.78 41.57
CA GLY B 58 -26.19 3.68 42.51
C GLY B 58 -25.46 2.43 42.06
N ALA B 59 -24.30 2.61 41.46
CA ALA B 59 -23.51 1.49 40.95
C ALA B 59 -22.09 1.49 41.49
N VAL B 60 -21.41 0.36 41.29
CA VAL B 60 -20.00 0.22 41.62
C VAL B 60 -19.18 0.02 40.36
N VAL B 61 -18.13 0.80 40.22
CA VAL B 61 -17.21 0.64 39.10
C VAL B 61 -15.98 -0.12 39.54
N GLU B 62 -15.63 -1.17 38.81
CA GLU B 62 -14.38 -1.86 39.06
C GLU B 62 -13.44 -1.47 37.93
N PHE B 63 -12.41 -0.70 38.27
CA PHE B 63 -11.49 -0.18 37.28
C PHE B 63 -10.28 -1.10 37.13
N LEU B 64 -10.17 -1.72 35.96
CA LEU B 64 -9.11 -2.68 35.67
C LEU B 64 -8.24 -2.26 34.49
N GLY B 65 -7.07 -2.87 34.37
CA GLY B 65 -6.24 -2.67 33.19
C GLY B 65 -4.82 -3.11 33.46
N PRO B 66 -4.08 -3.44 32.41
CA PRO B 66 -2.68 -3.84 32.64
C PRO B 66 -1.78 -2.65 32.89
N THR B 67 -0.60 -2.92 33.43
CA THR B 67 0.34 -1.87 33.81
C THR B 67 1.14 -1.43 32.60
N THR B 68 1.21 -2.31 31.59
CA THR B 68 1.78 -1.95 30.30
C THR B 68 0.82 -2.50 29.24
N ALA B 69 0.69 -1.81 28.11
CA ALA B 69 -0.30 -2.16 27.10
C ALA B 69 -0.14 -3.61 26.63
N SER B 70 -1.25 -4.33 26.57
CA SER B 70 -1.26 -5.73 26.14
C SER B 70 -2.67 -6.17 25.75
N THR B 71 -2.86 -6.51 24.49
CA THR B 71 -4.16 -6.97 24.03
C THR B 71 -4.56 -8.25 24.75
N GLU B 72 -3.62 -9.19 24.85
CA GLU B 72 -3.85 -10.46 25.56
C GLU B 72 -4.32 -10.24 27.00
N ASP B 73 -3.68 -9.31 27.72
CA ASP B 73 -4.09 -9.03 29.09
C ASP B 73 -5.50 -8.40 29.13
N GLY B 74 -5.79 -7.47 28.23
CA GLY B 74 -7.12 -6.88 28.20
C GLY B 74 -8.19 -7.94 27.96
N LEU B 75 -7.91 -8.85 27.04
CA LEU B 75 -8.88 -9.89 26.72
C LEU B 75 -9.05 -10.84 27.89
N LYS B 76 -7.98 -11.06 28.64
CA LYS B 76 -8.10 -11.88 29.85
C LYS B 76 -8.97 -11.21 30.91
N LEU B 77 -8.78 -9.90 31.08
CA LEU B 77 -9.60 -9.15 32.02
C LEU B 77 -11.07 -9.25 31.61
N PHE B 78 -11.31 -9.19 30.29
CA PHE B 78 -12.66 -9.31 29.76
C PHE B 78 -13.26 -10.69 30.07
N ASP B 79 -12.47 -11.74 29.87
CA ASP B 79 -12.88 -13.10 30.21
C ASP B 79 -13.28 -13.22 31.67
N MET B 80 -12.45 -12.68 32.57
CA MET B 80 -12.75 -12.74 34.00
C MET B 80 -14.02 -11.96 34.34
N ALA B 81 -14.22 -10.80 33.70
CA ALA B 81 -15.44 -10.04 33.95
C ALA B 81 -16.67 -10.85 33.53
N THR B 82 -16.54 -11.52 32.38
CA THR B 82 -17.64 -12.32 31.84
C THR B 82 -17.94 -13.52 32.73
N SER B 83 -16.90 -14.22 33.18
CA SER B 83 -17.05 -15.40 34.04
C SER B 83 -17.69 -15.03 35.37
N ALA B 84 -17.43 -13.82 35.84
CA ALA B 84 -17.93 -13.38 37.15
C ALA B 84 -19.32 -12.79 37.05
N LYS B 85 -19.87 -12.76 35.84
CA LYS B 85 -21.23 -12.32 35.59
C LYS B 85 -21.55 -10.94 36.17
N VAL B 86 -20.69 -9.96 35.89
CA VAL B 86 -20.92 -8.60 36.35
C VAL B 86 -22.13 -7.99 35.65
N SER B 87 -22.57 -6.83 36.09
CA SER B 87 -23.76 -6.22 35.52
C SER B 87 -23.50 -5.55 34.17
N GLY B 88 -22.25 -5.18 33.92
CA GLY B 88 -21.91 -4.51 32.69
C GLY B 88 -20.41 -4.39 32.49
N ILE B 89 -20.00 -4.34 31.22
CA ILE B 89 -18.58 -4.21 30.88
C ILE B 89 -18.37 -3.00 29.95
N ILE B 90 -17.45 -2.13 30.34
CA ILE B 90 -17.03 -1.01 29.50
C ILE B 90 -15.59 -1.29 29.13
N THR B 91 -15.30 -1.43 27.84
CA THR B 91 -13.96 -1.90 27.48
C THR B 91 -13.27 -1.13 26.39
N TYR B 92 -11.96 -0.93 26.60
CA TYR B 92 -11.05 -0.42 25.60
C TYR B 92 -10.80 -1.51 24.56
N VAL B 93 -10.71 -1.14 23.28
CA VAL B 93 -10.44 -2.10 22.21
C VAL B 93 -9.08 -1.81 21.60
N GLN B 94 -8.07 -2.63 21.92
CA GLN B 94 -6.71 -2.34 21.48
C GLN B 94 -6.43 -2.75 20.02
N GLU B 95 -7.09 -3.79 19.54
CA GLU B 95 -6.83 -4.29 18.17
C GLU B 95 -8.11 -4.69 17.47
N GLU B 96 -8.23 -4.30 16.20
CA GLU B 96 -9.42 -4.58 15.41
C GLU B 96 -9.64 -6.09 15.25
N GLY B 97 -10.87 -6.53 15.46
CA GLY B 97 -11.25 -7.91 15.24
C GLY B 97 -11.04 -8.84 16.43
N GLN B 98 -10.16 -8.45 17.34
CA GLN B 98 -9.76 -9.35 18.42
C GLN B 98 -10.78 -9.42 19.55
N TYR B 99 -11.78 -8.55 19.54
CA TYR B 99 -12.73 -8.46 20.67
C TYR B 99 -14.14 -8.91 20.29
N LYS B 100 -14.41 -8.98 18.99
CA LYS B 100 -15.71 -9.37 18.45
C LYS B 100 -16.37 -10.54 19.18
N LYS B 101 -15.64 -11.66 19.19
CA LYS B 101 -16.14 -12.91 19.73
C LYS B 101 -16.56 -12.75 21.19
N LYS B 102 -15.67 -12.24 22.03
CA LYS B 102 -15.96 -12.11 23.45
C LYS B 102 -17.05 -11.08 23.75
N ILE B 103 -17.11 -10.00 22.96
CA ILE B 103 -18.16 -9.01 23.15
C ILE B 103 -19.53 -9.62 22.85
N ASN B 104 -19.66 -10.25 21.68
CA ASN B 104 -20.95 -10.83 21.30
C ASN B 104 -21.34 -11.93 22.26
N SER B 105 -20.36 -12.70 22.70
CA SER B 105 -20.59 -13.77 23.66
C SER B 105 -21.10 -13.24 24.99
N ALA B 106 -20.51 -12.15 25.46
CA ALA B 106 -20.94 -11.53 26.70
C ALA B 106 -22.36 -10.99 26.56
N MET B 107 -22.67 -10.41 25.40
CA MET B 107 -24.00 -9.88 25.16
C MET B 107 -25.04 -10.99 25.15
N GLU B 108 -24.70 -12.16 24.62
CA GLU B 108 -25.67 -13.25 24.58
C GLU B 108 -25.85 -13.95 25.93
N LYS B 109 -24.92 -13.74 26.86
CA LYS B 109 -25.08 -14.19 28.23
C LYS B 109 -25.77 -13.09 29.04
N GLY B 110 -26.26 -12.06 28.35
CA GLY B 110 -27.03 -10.99 28.97
C GLY B 110 -26.22 -9.87 29.60
N ILE B 111 -24.92 -9.80 29.32
CA ILE B 111 -24.09 -8.72 29.85
C ILE B 111 -23.89 -7.63 28.80
N PRO B 112 -24.46 -6.43 29.04
CA PRO B 112 -24.27 -5.30 28.11
C PRO B 112 -22.82 -4.82 28.06
N VAL B 113 -22.32 -4.59 26.85
CA VAL B 113 -20.98 -4.10 26.62
C VAL B 113 -20.99 -2.73 25.95
N VAL B 114 -20.24 -1.78 26.52
CA VAL B 114 -19.98 -0.50 25.87
C VAL B 114 -18.49 -0.43 25.56
N THR B 115 -18.12 -0.01 24.36
CA THR B 115 -16.71 0.19 24.07
C THR B 115 -16.37 1.65 24.32
N ILE B 116 -15.13 1.91 24.71
CA ILE B 116 -14.73 3.26 25.05
C ILE B 116 -13.35 3.56 24.46
N ASP B 117 -13.20 4.79 23.95
CA ASP B 117 -11.91 5.36 23.51
C ASP B 117 -11.12 4.56 22.48
N SER B 118 -11.73 3.47 21.99
CA SER B 118 -11.39 2.79 20.75
C SER B 118 -12.49 1.76 20.52
N ASP B 119 -12.99 1.65 19.30
CA ASP B 119 -14.21 0.84 19.07
C ASP B 119 -13.93 -0.51 18.41
N GLU B 120 -14.86 -1.44 18.60
CA GLU B 120 -14.94 -2.66 17.79
C GLU B 120 -16.24 -2.59 16.96
N GLU B 121 -16.20 -1.84 15.86
CA GLU B 121 -17.38 -1.52 15.07
C GLU B 121 -18.21 -2.73 14.63
N ASP B 122 -17.54 -3.83 14.32
CA ASP B 122 -18.26 -5.02 13.86
C ASP B 122 -18.60 -5.96 15.00
N SER B 123 -19.13 -5.43 16.10
CA SER B 123 -19.64 -6.29 17.19
C SER B 123 -21.06 -5.85 17.57
N ASN B 124 -21.66 -6.56 18.51
CA ASN B 124 -23.00 -6.21 18.99
C ASN B 124 -23.04 -5.28 20.20
N ARG B 125 -21.90 -4.74 20.60
CA ARG B 125 -21.85 -3.80 21.74
C ARG B 125 -22.89 -2.69 21.56
N ILE B 126 -23.54 -2.30 22.65
CA ILE B 126 -24.72 -1.45 22.55
C ILE B 126 -24.38 -0.02 22.16
N ALA B 127 -23.16 0.43 22.48
CA ALA B 127 -22.72 1.78 22.13
C ALA B 127 -21.20 1.92 22.17
N TYR B 128 -20.66 2.81 21.35
CA TYR B 128 -19.26 3.19 21.44
C TYR B 128 -19.17 4.60 22.01
N VAL B 129 -18.40 4.75 23.09
CA VAL B 129 -18.19 6.09 23.63
C VAL B 129 -16.75 6.52 23.36
N GLY B 130 -16.59 7.43 22.41
CA GLY B 130 -15.29 7.99 22.16
C GLY B 130 -15.27 8.87 20.93
N THR B 131 -14.05 9.10 20.46
CA THR B 131 -13.79 9.95 19.31
C THR B 131 -13.85 9.16 18.00
N ASP B 132 -14.19 9.84 16.91
CA ASP B 132 -13.93 9.39 15.54
C ASP B 132 -12.42 9.53 15.26
N ASN B 133 -11.67 8.44 15.34
CA ASN B 133 -10.22 8.54 15.43
C ASN B 133 -9.52 8.90 14.11
N VAL B 134 -9.98 8.35 13.00
CA VAL B 134 -9.48 8.78 11.70
C VAL B 134 -9.72 10.27 11.50
N LEU B 135 -10.92 10.72 11.87
CA LEU B 135 -11.26 12.14 11.79
C LEU B 135 -10.37 13.02 12.70
N ALA B 136 -10.06 12.51 13.89
CA ALA B 136 -9.18 13.24 14.80
C ALA B 136 -7.82 13.40 14.15
N GLY B 137 -7.38 12.36 13.44
CA GLY B 137 -6.13 12.45 12.70
C GLY B 137 -6.19 13.52 11.61
N GLN B 138 -7.32 13.63 10.93
CA GLN B 138 -7.45 14.64 9.89
C GLN B 138 -7.42 16.04 10.49
N VAL B 139 -8.06 16.18 11.65
CA VAL B 139 -8.06 17.46 12.35
C VAL B 139 -6.61 17.84 12.71
N ALA B 140 -5.86 16.86 13.21
CA ALA B 140 -4.44 17.05 13.51
C ALA B 140 -3.67 17.49 12.26
N GLY B 141 -3.99 16.90 11.12
CA GLY B 141 -3.32 17.23 9.88
C GLY B 141 -3.56 18.67 9.48
N LYS B 142 -4.80 19.12 9.55
CA LYS B 142 -5.15 20.46 9.22
C LYS B 142 -4.43 21.44 10.14
N GLU B 143 -4.37 21.13 11.41
CA GLU B 143 -3.67 21.98 12.35
C GLU B 143 -2.15 22.00 12.05
N MET B 144 -1.62 20.86 11.64
CA MET B 144 -0.20 20.80 11.28
C MET B 144 0.10 21.72 10.11
N VAL B 145 -0.74 21.68 9.08
CA VAL B 145 -0.50 22.55 7.93
C VAL B 145 -0.69 24.02 8.33
N LYS B 146 -1.63 24.32 9.22
CA LYS B 146 -1.73 25.68 9.75
C LYS B 146 -0.47 26.10 10.54
N GLN B 147 0.17 25.17 11.22
CA GLN B 147 1.27 25.56 12.09
C GLN B 147 2.59 25.69 11.33
N ILE B 148 2.87 24.79 10.38
CA ILE B 148 4.16 24.86 9.71
C ILE B 148 4.06 25.13 8.20
N GLY B 149 2.86 25.19 7.66
CA GLY B 149 2.69 25.42 6.23
C GLY B 149 2.62 24.14 5.42
N THR B 150 2.82 24.24 4.11
CA THR B 150 2.65 23.10 3.22
C THR B 150 3.94 22.38 2.83
N SER B 151 5.10 22.90 3.24
CA SER B 151 6.35 22.19 2.95
C SER B 151 7.16 21.97 4.23
N GLY B 152 7.84 20.83 4.29
CA GLY B 152 8.56 20.49 5.51
C GLY B 152 8.56 19.02 5.83
N ASN B 153 9.36 18.65 6.81
CA ASN B 153 9.47 17.28 7.28
C ASN B 153 8.84 17.06 8.65
N VAL B 154 8.09 15.97 8.74
CA VAL B 154 7.36 15.62 9.95
C VAL B 154 7.74 14.24 10.41
N ALA B 155 7.86 14.04 11.72
CA ALA B 155 8.05 12.71 12.26
C ALA B 155 6.89 12.38 13.19
N ILE B 156 6.59 11.10 13.32
CA ILE B 156 5.45 10.70 14.11
C ILE B 156 5.85 9.81 15.29
N VAL B 157 5.32 10.15 16.45
CA VAL B 157 5.49 9.34 17.65
C VAL B 157 4.13 8.79 18.04
N MET B 158 3.90 7.50 17.90
CA MET B 158 2.58 6.93 18.18
C MET B 158 2.63 6.02 19.39
N GLY B 159 1.50 5.87 20.07
CA GLY B 159 1.47 5.15 21.33
C GLY B 159 1.20 3.66 21.15
N GLY B 160 2.08 3.00 20.40
CA GLY B 160 1.91 1.61 20.06
C GLY B 160 1.70 1.47 18.56
N LYS B 161 2.64 0.80 17.88
CA LYS B 161 2.57 0.59 16.43
C LYS B 161 1.32 -0.19 15.97
N ASN B 162 0.91 -1.21 16.73
CA ASN B 162 -0.22 -2.03 16.30
C ASN B 162 -1.51 -1.70 17.04
N VAL B 163 -1.61 -0.48 17.57
CA VAL B 163 -2.76 -0.13 18.38
C VAL B 163 -3.81 0.53 17.50
N LYS B 164 -5.05 0.06 17.62
CA LYS B 164 -6.13 0.44 16.70
C LYS B 164 -6.34 1.94 16.55
N ASN B 165 -6.56 2.67 17.64
CA ASN B 165 -6.87 4.08 17.46
C ASN B 165 -5.62 4.90 17.16
N GLN B 166 -4.44 4.35 17.46
CA GLN B 166 -3.20 5.00 17.04
C GLN B 166 -3.04 4.91 15.51
N LYS B 167 -3.21 3.71 14.98
CA LYS B 167 -3.22 3.51 13.53
C LYS B 167 -4.28 4.36 12.85
N GLU B 168 -5.48 4.44 13.43
CA GLU B 168 -6.54 5.24 12.83
C GLU B 168 -6.12 6.71 12.76
N ARG B 169 -5.52 7.21 13.85
CA ARG B 169 -5.12 8.62 13.88
C ARG B 169 -4.00 8.92 12.89
N VAL B 170 -3.02 8.04 12.80
CA VAL B 170 -1.96 8.19 11.80
C VAL B 170 -2.57 8.12 10.38
N GLU B 171 -3.51 7.22 10.17
CA GLU B 171 -4.15 7.07 8.86
C GLU B 171 -4.84 8.37 8.42
N GLY B 172 -5.60 8.98 9.33
CA GLY B 172 -6.28 10.22 9.02
C GLY B 172 -5.32 11.37 8.78
N PHE B 173 -4.33 11.50 9.66
CA PHE B 173 -3.30 12.52 9.49
C PHE B 173 -2.61 12.40 8.12
N THR B 174 -2.21 11.18 7.80
CA THR B 174 -1.46 10.92 6.58
C THR B 174 -2.32 11.25 5.36
N GLN B 175 -3.58 10.81 5.35
CA GLN B 175 -4.48 11.15 4.25
C GLN B 175 -4.59 12.66 4.07
N TYR B 176 -4.83 13.36 5.18
CA TYR B 176 -4.99 14.80 5.10
C TYR B 176 -3.76 15.48 4.52
N ILE B 177 -2.57 15.20 5.05
CA ILE B 177 -1.41 15.96 4.59
C ILE B 177 -1.00 15.53 3.18
N LYS B 178 -1.27 14.28 2.84
CA LYS B 178 -1.08 13.80 1.47
C LYS B 178 -1.85 14.70 0.51
N SER B 179 -3.14 14.89 0.78
CA SER B 179 -3.98 15.62 -0.17
C SER B 179 -3.90 17.14 -0.07
N ASN B 180 -3.46 17.66 1.07
CA ASN B 180 -3.56 19.09 1.31
C ASN B 180 -2.25 19.84 1.48
N SER B 181 -1.13 19.17 1.20
CA SER B 181 0.17 19.82 1.37
C SER B 181 1.24 19.01 0.69
N ASN B 182 2.49 19.45 0.84
CA ASN B 182 3.62 18.68 0.37
C ASN B 182 4.48 18.18 1.53
N LEU B 183 3.91 18.15 2.74
CA LEU B 183 4.63 17.64 3.91
C LEU B 183 5.06 16.19 3.70
N LYS B 184 6.27 15.87 4.15
CA LYS B 184 6.79 14.53 4.05
C LYS B 184 6.89 13.92 5.44
N ILE B 185 6.39 12.70 5.61
CA ILE B 185 6.61 11.95 6.83
C ILE B 185 7.90 11.15 6.71
N VAL B 186 8.95 11.58 7.41
CA VAL B 186 10.26 10.99 7.21
C VAL B 186 10.59 9.87 8.22
N ASP B 187 9.77 9.75 9.26
CA ASP B 187 10.04 8.79 10.32
C ASP B 187 8.81 8.59 11.19
N THR B 188 8.65 7.37 11.70
CA THR B 188 7.51 6.99 12.52
C THR B 188 8.00 5.97 13.53
N ASP B 189 7.75 6.21 14.81
CA ASP B 189 8.17 5.25 15.81
C ASP B 189 7.17 5.26 16.95
N SER B 190 7.39 4.37 17.90
CA SER B 190 6.40 4.08 18.92
C SER B 190 6.94 4.27 20.33
N SER B 191 6.10 4.82 21.19
CA SER B 191 6.41 5.03 22.59
C SER B 191 5.77 3.98 23.47
N ASP B 192 4.95 3.13 22.84
CA ASP B 192 4.03 2.22 23.56
C ASP B 192 3.21 2.98 24.62
N ALA B 193 2.96 4.26 24.36
CA ALA B 193 2.14 5.13 25.19
C ALA B 193 2.74 5.40 26.57
N MET B 194 4.04 5.15 26.76
CA MET B 194 4.79 5.41 27.99
C MET B 194 5.54 6.75 27.90
N LEU B 195 5.56 7.55 28.96
CA LEU B 195 6.21 8.85 28.97
C LEU B 195 7.73 8.80 28.75
N LEU B 196 8.41 7.94 29.50
CA LEU B 196 9.86 7.88 29.40
C LEU B 196 10.28 7.37 28.03
N GLU B 197 9.63 6.31 27.57
CA GLU B 197 9.93 5.77 26.25
C GLU B 197 9.67 6.82 25.18
N ALA B 198 8.62 7.62 25.36
CA ALA B 198 8.34 8.71 24.42
C ALA B 198 9.52 9.68 24.35
N GLU B 199 10.05 10.06 25.51
CA GLU B 199 11.21 10.95 25.56
C GLU B 199 12.42 10.34 24.82
N ILE B 200 12.70 9.07 25.12
CA ILE B 200 13.84 8.36 24.54
C ILE B 200 13.71 8.27 23.01
N ILE B 201 12.55 7.85 22.56
CA ILE B 201 12.35 7.60 21.14
C ILE B 201 12.34 8.94 20.38
N THR B 202 11.88 10.02 21.02
CA THR B 202 11.87 11.32 20.34
C THR B 202 13.30 11.81 20.19
N ARG B 203 14.12 11.59 21.23
CA ARG B 203 15.55 11.87 21.08
C ARG B 203 16.16 11.08 19.92
N LYS B 204 15.82 9.79 19.84
CA LYS B 204 16.37 8.95 18.77
C LYS B 204 16.00 9.49 17.38
N ILE B 205 14.72 9.84 17.22
CA ILE B 205 14.21 10.42 15.99
C ILE B 205 14.88 11.75 15.60
N LEU B 206 15.13 12.61 16.58
CA LEU B 206 15.72 13.93 16.31
C LEU B 206 17.21 13.82 15.95
N ASN B 207 17.85 12.84 16.51
CA ASN B 207 19.21 12.48 16.24
C ASN B 207 19.51 11.79 14.88
N ARG B 208 18.62 10.94 14.39
CA ARG B 208 18.81 10.18 13.15
C ARG B 208 18.19 10.78 11.88
N ASN B 209 17.73 11.97 12.04
CA ASN B 209 17.04 12.74 10.99
C ASN B 209 17.54 14.19 10.96
N ASP B 210 17.88 14.68 9.76
CA ASP B 210 18.58 15.95 9.61
C ASP B 210 17.71 17.18 9.89
N ASN B 211 16.65 17.37 9.12
CA ASN B 211 15.81 18.54 9.35
C ASN B 211 14.32 18.19 9.49
N ILE B 212 13.97 17.61 10.63
CA ILE B 212 12.58 17.51 11.04
C ILE B 212 12.06 18.88 11.43
N ASN B 213 10.91 19.25 10.88
CA ASN B 213 10.30 20.53 11.20
C ASN B 213 9.18 20.42 12.21
N ALA B 214 8.61 19.22 12.33
CA ALA B 214 7.53 19.05 13.31
C ALA B 214 7.37 17.60 13.77
N LEU B 215 6.81 17.44 14.97
CA LEU B 215 6.43 16.12 15.47
C LEU B 215 4.92 16.05 15.62
N PHE B 216 4.37 14.91 15.20
CA PHE B 216 2.97 14.57 15.48
C PHE B 216 2.95 13.45 16.52
N CYS B 217 2.37 13.74 17.68
CA CYS B 217 2.29 12.79 18.78
C CYS B 217 0.83 12.37 19.05
N THR B 218 0.59 11.07 19.00
CA THR B 218 -0.79 10.60 18.88
C THR B 218 -1.40 9.99 20.13
N SER B 219 -0.64 9.83 21.23
CA SER B 219 -1.27 9.42 22.49
C SER B 219 -0.90 10.38 23.62
N ALA B 220 -1.67 10.32 24.72
CA ALA B 220 -1.65 11.37 25.74
C ALA B 220 -0.25 11.70 26.31
N LEU B 221 0.59 10.69 26.57
CA LEU B 221 1.89 10.98 27.16
C LEU B 221 2.97 11.27 26.12
N ASP B 222 2.66 11.05 24.84
CA ASP B 222 3.66 11.24 23.77
C ASP B 222 4.09 12.68 23.62
N GLY B 223 3.13 13.60 23.67
CA GLY B 223 3.44 15.01 23.54
C GLY B 223 4.30 15.52 24.69
N ILE B 224 4.12 14.93 25.87
CA ILE B 224 4.84 15.41 27.05
C ILE B 224 6.31 14.94 26.95
N GLY B 225 6.51 13.67 26.61
CA GLY B 225 7.86 13.16 26.40
C GLY B 225 8.58 13.85 25.25
N ALA B 226 7.85 14.05 24.15
CA ALA B 226 8.39 14.78 23.00
C ALA B 226 8.81 16.18 23.39
N ALA B 227 7.96 16.88 24.12
CA ALA B 227 8.25 18.23 24.57
C ALA B 227 9.52 18.23 25.43
N ARG B 228 9.66 17.21 26.28
CA ARG B 228 10.86 17.09 27.09
C ARG B 228 12.11 16.96 26.22
N ALA B 229 12.02 16.11 25.19
CA ALA B 229 13.16 15.92 24.29
C ALA B 229 13.51 17.20 23.52
N VAL B 230 12.52 17.86 22.91
CA VAL B 230 12.80 19.06 22.14
C VAL B 230 13.33 20.19 23.03
N LYS B 231 12.80 20.30 24.25
CA LYS B 231 13.35 21.26 25.19
C LYS B 231 14.82 20.97 25.47
N ASP B 232 15.10 19.73 25.89
CA ASP B 232 16.44 19.34 26.32
C ASP B 232 17.53 19.53 25.25
N LEU B 233 17.18 19.25 24.00
CA LEU B 233 18.15 19.31 22.91
C LEU B 233 18.15 20.70 22.27
N ASN B 234 17.48 21.65 22.92
CA ASN B 234 17.37 23.02 22.42
C ASN B 234 16.88 23.09 20.98
N TYR B 235 15.74 22.47 20.71
CA TYR B 235 15.15 22.48 19.38
C TYR B 235 13.85 23.29 19.38
N LYS B 236 13.61 24.00 20.47
CA LYS B 236 12.59 25.04 20.49
C LYS B 236 13.24 26.38 20.11
N ASP B 237 12.84 27.00 19.00
CA ASP B 237 11.86 26.47 18.07
C ASP B 237 12.57 26.11 16.77
N ARG B 238 12.80 24.84 16.58
CA ARG B 238 13.27 24.36 15.34
C ARG B 238 12.20 23.31 14.99
N VAL B 239 11.65 22.67 16.02
CA VAL B 239 10.68 21.59 15.87
C VAL B 239 9.37 21.96 16.54
N LYS B 240 8.26 22.00 15.78
CA LYS B 240 6.98 22.30 16.40
C LYS B 240 6.31 20.99 16.83
N ILE B 241 5.44 21.06 17.84
CA ILE B 241 4.74 19.87 18.31
C ILE B 241 3.23 20.03 18.22
N ILE B 242 2.63 19.04 17.55
CA ILE B 242 1.19 18.82 17.58
C ILE B 242 0.95 17.53 18.33
N CYS B 243 0.17 17.55 19.39
CA CYS B 243 0.00 16.30 20.14
C CYS B 243 -1.45 16.03 20.52
N PHE B 244 -1.66 14.94 21.28
CA PHE B 244 -3.01 14.66 21.81
C PHE B 244 -3.24 14.95 23.31
N ASP B 245 -4.49 15.33 23.60
CA ASP B 245 -5.08 15.41 24.95
C ASP B 245 -4.64 16.59 25.80
N ASP B 246 -5.44 16.89 26.82
CA ASP B 246 -5.27 18.11 27.61
C ASP B 246 -4.77 17.85 29.03
N LEU B 247 -3.75 17.00 29.17
CA LEU B 247 -3.10 16.83 30.48
C LEU B 247 -2.45 18.14 30.89
N ASP B 248 -2.29 18.33 32.21
CA ASP B 248 -1.72 19.56 32.75
C ASP B 248 -0.41 20.00 32.09
N ASP B 249 0.54 19.08 32.03
CA ASP B 249 1.84 19.42 31.46
C ASP B 249 1.72 19.84 30.00
N THR B 250 0.79 19.22 29.28
CA THR B 250 0.59 19.58 27.87
C THR B 250 0.09 21.02 27.79
N LEU B 251 -0.90 21.36 28.60
CA LEU B 251 -1.43 22.71 28.62
C LEU B 251 -0.38 23.75 29.02
N SER B 252 0.50 23.40 29.96
CA SER B 252 1.63 24.29 30.31
C SER B 252 2.61 24.41 29.14
N ASN B 253 2.79 23.34 28.37
CA ASN B 253 3.73 23.37 27.25
C ASN B 253 3.19 24.23 26.11
N ILE B 254 1.86 24.25 26.02
CA ILE B 254 1.19 25.11 25.06
C ILE B 254 1.29 26.55 25.47
N ARG B 255 1.11 26.78 26.77
CA ARG B 255 1.35 28.10 27.43
C ARG B 255 2.80 28.61 27.29
N ASN B 256 3.77 27.71 27.31
CA ASN B 256 5.17 28.13 27.27
C ASN B 256 5.75 28.33 25.86
N GLY B 257 5.11 27.74 24.88
CA GLY B 257 5.54 27.81 23.50
C GLY B 257 6.19 26.53 23.02
N LEU B 258 6.42 25.58 23.92
CA LEU B 258 7.00 24.28 23.55
C LEU B 258 6.11 23.42 22.64
N VAL B 259 4.81 23.40 22.92
CA VAL B 259 3.86 22.68 22.08
C VAL B 259 2.97 23.69 21.35
N SER B 260 2.76 23.48 20.06
CA SER B 260 1.99 24.42 19.26
C SER B 260 0.51 24.16 19.36
N ALA B 261 0.13 22.88 19.35
CA ALA B 261 -1.31 22.61 19.51
C ALA B 261 -1.58 21.22 20.03
N THR B 262 -2.73 21.06 20.68
CA THR B 262 -3.11 19.73 21.11
C THR B 262 -4.56 19.44 20.75
N ILE B 263 -4.83 18.17 20.50
CA ILE B 263 -6.14 17.70 20.12
C ILE B 263 -6.81 17.09 21.35
N VAL B 264 -7.83 17.78 21.83
CA VAL B 264 -8.48 17.47 23.10
C VAL B 264 -9.68 16.56 22.94
N GLN B 265 -9.62 15.42 23.65
CA GLN B 265 -10.75 14.52 23.77
C GLN B 265 -11.42 14.77 25.12
N LYS B 266 -12.69 14.40 25.24
CA LYS B 266 -13.43 14.62 26.47
C LYS B 266 -13.42 13.34 27.33
N SER B 267 -12.25 12.97 27.85
CA SER B 267 -12.07 11.72 28.59
C SER B 267 -13.02 11.57 29.80
N ASN B 268 -13.10 12.62 30.60
CA ASN B 268 -13.94 12.54 31.80
C ASN B 268 -15.39 12.23 31.39
N GLU B 269 -15.87 12.98 30.41
CA GLU B 269 -17.22 12.82 29.89
C GLU B 269 -17.42 11.43 29.26
N MET B 270 -16.38 10.86 28.66
CA MET B 270 -16.47 9.51 28.10
C MET B 270 -16.79 8.50 29.19
N GLY B 271 -16.05 8.58 30.31
CA GLY B 271 -16.30 7.67 31.42
C GLY B 271 -17.73 7.82 31.96
N TYR B 272 -18.12 9.08 32.10
CA TYR B 272 -19.43 9.42 32.65
C TYR B 272 -20.55 8.83 31.77
N ARG B 273 -20.44 9.11 30.49
CA ARG B 273 -21.43 8.66 29.51
C ARG B 273 -21.50 7.13 29.41
N ALA B 274 -20.33 6.46 29.41
CA ALA B 274 -20.28 5.00 29.35
C ALA B 274 -21.06 4.38 30.50
N VAL B 275 -20.78 4.86 31.71
CA VAL B 275 -21.48 4.31 32.86
C VAL B 275 -23.00 4.59 32.75
N ASN B 276 -23.38 5.79 32.33
CA ASN B 276 -24.82 6.07 32.22
C ASN B 276 -25.54 5.23 31.17
N ILE B 277 -24.85 4.90 30.08
CA ILE B 277 -25.42 4.03 29.05
C ILE B 277 -25.61 2.62 29.58
N ILE B 278 -24.58 2.07 30.23
CA ILE B 278 -24.73 0.76 30.87
C ILE B 278 -25.92 0.77 31.83
N MET B 279 -26.05 1.82 32.63
CA MET B 279 -27.12 1.80 33.64
C MET B 279 -28.50 1.99 33.01
N ASP B 280 -28.59 2.79 31.95
CA ASP B 280 -29.85 2.91 31.25
C ASP B 280 -30.26 1.55 30.70
N LYS B 281 -29.31 0.82 30.13
CA LYS B 281 -29.60 -0.51 29.60
C LYS B 281 -30.09 -1.44 30.70
N ILE B 282 -29.35 -1.47 31.82
CA ILE B 282 -29.70 -2.32 32.95
C ILE B 282 -31.08 -1.99 33.53
N GLU B 283 -31.45 -0.71 33.50
CA GLU B 283 -32.75 -0.28 34.01
C GLU B 283 -33.83 -0.20 32.92
N GLY B 284 -33.51 -0.70 31.73
CA GLY B 284 -34.46 -0.73 30.63
C GLY B 284 -35.01 0.63 30.26
N LYS B 285 -34.15 1.51 29.73
CA LYS B 285 -34.57 2.85 29.34
C LYS B 285 -33.68 3.19 28.14
N SER B 286 -33.79 4.44 27.68
CA SER B 286 -33.42 4.95 26.36
C SER B 286 -32.46 4.04 25.59
N SER B 292 -23.47 10.89 17.06
CA SER B 292 -23.33 10.14 18.28
C SER B 292 -21.91 10.11 18.81
N LEU B 293 -20.92 10.25 17.96
CA LEU B 293 -19.53 10.24 18.41
C LEU B 293 -19.11 11.59 18.99
N ILE B 294 -18.08 11.58 19.83
CA ILE B 294 -17.70 12.78 20.58
C ILE B 294 -16.67 13.63 19.82
N ASP B 295 -17.05 14.87 19.52
CA ASP B 295 -16.17 15.80 18.79
C ASP B 295 -14.88 16.09 19.54
N VAL B 296 -13.86 16.43 18.77
CA VAL B 296 -12.56 16.72 19.28
C VAL B 296 -12.37 18.23 19.21
N ASN B 297 -11.56 18.82 20.09
CA ASN B 297 -11.31 20.26 19.96
C ASN B 297 -9.83 20.54 19.80
N VAL B 298 -9.47 21.63 19.16
CA VAL B 298 -8.07 22.02 19.09
C VAL B 298 -7.78 23.09 20.14
N ILE B 299 -6.71 22.89 20.90
CA ILE B 299 -6.28 23.94 21.80
C ILE B 299 -4.93 24.45 21.32
N ASN B 300 -4.86 25.75 21.10
CA ASN B 300 -3.58 26.37 20.80
C ASN B 300 -3.33 27.48 21.80
N LYS B 301 -2.26 28.27 21.57
CA LYS B 301 -1.87 29.39 22.44
C LYS B 301 -2.99 30.22 22.96
N SER B 302 -3.87 30.57 22.04
CA SER B 302 -5.00 31.42 22.37
C SER B 302 -5.87 30.79 23.47
N ASP B 303 -5.91 29.46 23.52
CA ASP B 303 -6.86 28.78 24.40
C ASP B 303 -6.35 28.24 25.74
N VAL B 304 -5.18 28.68 26.21
CA VAL B 304 -4.73 28.23 27.53
C VAL B 304 -4.53 29.42 28.48
N PRO C 26 -0.85 36.88 -34.45
CA PRO C 26 0.33 36.03 -34.26
C PRO C 26 0.22 35.06 -33.07
N ILE C 27 1.38 34.60 -32.60
CA ILE C 27 1.49 33.42 -31.73
C ILE C 27 0.95 33.58 -30.29
N LYS C 28 0.24 32.55 -29.84
CA LYS C 28 -0.31 32.49 -28.49
C LYS C 28 0.07 31.18 -27.80
N PRO C 29 0.21 31.21 -26.46
CA PRO C 29 0.50 29.99 -25.69
C PRO C 29 -0.61 28.97 -25.89
N LYS C 30 -0.26 27.71 -26.11
CA LYS C 30 -1.25 26.68 -26.30
C LYS C 30 -1.27 25.76 -25.10
N ILE C 31 -2.46 25.61 -24.51
CA ILE C 31 -2.63 24.82 -23.30
C ILE C 31 -3.53 23.62 -23.56
N VAL C 32 -3.00 22.44 -23.31
CA VAL C 32 -3.77 21.22 -23.51
C VAL C 32 -4.58 20.91 -22.26
N LEU C 33 -5.86 20.63 -22.44
CA LEU C 33 -6.69 20.20 -21.32
C LEU C 33 -7.18 18.78 -21.58
N ILE C 34 -6.74 17.85 -20.74
CA ILE C 34 -7.06 16.44 -20.96
C ILE C 34 -8.14 15.97 -19.99
N SER C 35 -9.28 15.60 -20.54
CA SER C 35 -10.45 15.26 -19.76
C SER C 35 -10.55 13.77 -19.48
N HIS C 36 -11.35 13.43 -18.49
CA HIS C 36 -11.72 12.04 -18.20
C HIS C 36 -12.49 11.43 -19.38
N ILE C 37 -13.61 12.06 -19.74
CA ILE C 37 -14.44 11.68 -20.88
C ILE C 37 -14.90 12.95 -21.58
N LYS C 38 -14.63 13.05 -22.87
CA LYS C 38 -14.68 14.33 -23.59
C LYS C 38 -16.09 14.89 -23.74
N THR C 39 -17.08 14.00 -23.71
CA THR C 39 -18.47 14.39 -23.96
C THR C 39 -19.24 14.55 -22.66
N ASN C 40 -18.58 14.28 -21.54
CA ASN C 40 -19.25 14.35 -20.25
C ASN C 40 -19.57 15.82 -19.93
N PRO C 41 -20.83 16.12 -19.57
CA PRO C 41 -21.28 17.50 -19.32
C PRO C 41 -20.49 18.21 -18.20
N TYR C 42 -20.01 17.41 -17.25
CA TYR C 42 -19.18 17.93 -16.16
C TYR C 42 -17.88 18.50 -16.73
N TRP C 43 -17.29 17.72 -17.63
CA TRP C 43 -16.07 18.14 -18.30
C TRP C 43 -16.30 19.25 -19.33
N LEU C 44 -17.47 19.28 -19.94
CA LEU C 44 -17.80 20.42 -20.81
C LEU C 44 -17.91 21.69 -19.99
N ASP C 45 -18.32 21.57 -18.72
CA ASP C 45 -18.38 22.74 -17.84
C ASP C 45 -16.98 23.21 -17.43
N ILE C 46 -16.12 22.25 -17.09
CA ILE C 46 -14.71 22.58 -16.91
C ILE C 46 -14.16 23.31 -18.15
N LYS C 47 -14.48 22.79 -19.33
CA LYS C 47 -14.04 23.36 -20.57
C LYS C 47 -14.48 24.82 -20.70
N ALA C 48 -15.73 25.09 -20.35
CA ALA C 48 -16.23 26.47 -20.38
C ALA C 48 -15.41 27.41 -19.48
N GLY C 49 -15.09 26.95 -18.26
CA GLY C 49 -14.27 27.77 -17.37
C GLY C 49 -12.88 28.05 -17.93
N ALA C 50 -12.29 26.99 -18.49
CA ALA C 50 -10.97 27.08 -19.09
C ALA C 50 -10.94 28.04 -20.30
N GLU C 51 -11.98 27.98 -21.13
CA GLU C 51 -12.07 28.88 -22.28
C GLU C 51 -12.22 30.34 -21.84
N ARG C 52 -12.99 30.58 -20.78
CA ARG C 52 -13.15 31.97 -20.33
C ARG C 52 -11.80 32.52 -19.84
N ALA C 53 -11.08 31.71 -19.08
CA ALA C 53 -9.74 32.11 -18.64
C ALA C 53 -8.79 32.33 -19.81
N ALA C 54 -8.85 31.44 -20.81
CA ALA C 54 -7.97 31.56 -21.96
C ALA C 54 -8.24 32.85 -22.74
N LYS C 55 -9.51 33.16 -22.94
CA LYS C 55 -9.92 34.40 -23.57
C LYS C 55 -9.38 35.61 -22.82
N GLU C 56 -9.48 35.60 -21.50
CA GLU C 56 -8.96 36.73 -20.72
C GLU C 56 -7.45 36.84 -20.76
N ARG C 57 -6.75 35.73 -20.79
CA ARG C 57 -5.33 35.71 -20.75
C ARG C 57 -4.58 35.68 -22.08
N GLY C 58 -5.27 35.55 -23.17
CA GLY C 58 -4.62 35.49 -24.47
C GLY C 58 -3.98 34.14 -24.79
N ALA C 59 -4.63 33.05 -24.39
CA ALA C 59 -4.15 31.71 -24.72
C ALA C 59 -5.18 30.93 -25.54
N VAL C 60 -4.74 29.79 -26.07
CA VAL C 60 -5.65 28.86 -26.75
C VAL C 60 -5.74 27.57 -25.94
N VAL C 61 -6.96 27.09 -25.70
CA VAL C 61 -7.13 25.82 -25.01
C VAL C 61 -7.41 24.72 -26.02
N GLU C 62 -6.60 23.67 -26.00
CA GLU C 62 -6.91 22.49 -26.78
C GLU C 62 -7.55 21.46 -25.84
N PHE C 63 -8.85 21.24 -26.00
CA PHE C 63 -9.60 20.36 -25.11
C PHE C 63 -9.63 18.94 -25.66
N LEU C 64 -8.99 18.02 -24.96
CA LEU C 64 -8.87 16.65 -25.44
C LEU C 64 -9.42 15.62 -24.45
N GLY C 65 -9.71 14.44 -24.96
CA GLY C 65 -10.02 13.31 -24.09
C GLY C 65 -10.62 12.19 -24.91
N PRO C 66 -10.62 10.97 -24.34
CA PRO C 66 -11.25 9.82 -24.99
C PRO C 66 -12.76 9.93 -24.90
N THR C 67 -13.48 9.14 -25.69
CA THR C 67 -14.94 9.20 -25.66
C THR C 67 -15.46 8.16 -24.70
N THR C 68 -14.62 7.18 -24.40
CA THR C 68 -14.87 6.25 -23.30
C THR C 68 -13.66 6.27 -22.38
N ALA C 69 -13.89 6.19 -21.07
CA ALA C 69 -12.82 6.33 -20.10
C ALA C 69 -11.70 5.32 -20.35
N SER C 70 -10.46 5.81 -20.37
CA SER C 70 -9.31 4.96 -20.59
C SER C 70 -8.07 5.70 -20.10
N THR C 71 -7.47 5.16 -19.06
CA THR C 71 -6.24 5.71 -18.50
C THR C 71 -5.17 5.80 -19.57
N GLU C 72 -4.98 4.71 -20.31
CA GLU C 72 -3.93 4.68 -21.33
C GLU C 72 -4.19 5.65 -22.47
N ASP C 73 -5.45 5.84 -22.87
CA ASP C 73 -5.74 6.84 -23.91
C ASP C 73 -5.36 8.24 -23.42
N GLY C 74 -5.67 8.52 -22.16
CA GLY C 74 -5.28 9.77 -21.53
C GLY C 74 -3.76 9.94 -21.54
N LEU C 75 -3.03 8.89 -21.20
CA LEU C 75 -1.57 8.95 -21.17
C LEU C 75 -0.98 9.17 -22.57
N LYS C 76 -1.58 8.59 -23.60
CA LYS C 76 -1.18 8.81 -24.98
C LYS C 76 -1.44 10.30 -25.38
N LEU C 77 -2.57 10.84 -25.03
CA LEU C 77 -2.83 12.25 -25.29
C LEU C 77 -1.78 13.11 -24.58
N PHE C 78 -1.41 12.72 -23.36
CA PHE C 78 -0.39 13.45 -22.61
C PHE C 78 0.95 13.40 -23.35
N ASP C 79 1.33 12.20 -23.80
CA ASP C 79 2.56 12.03 -24.58
C ASP C 79 2.58 12.87 -25.87
N MET C 80 1.45 12.92 -26.56
CA MET C 80 1.35 13.69 -27.78
C MET C 80 1.51 15.17 -27.46
N ALA C 81 0.92 15.61 -26.35
CA ALA C 81 1.04 17.02 -25.95
C ALA C 81 2.49 17.34 -25.61
N THR C 82 3.16 16.39 -24.97
CA THR C 82 4.56 16.58 -24.59
C THR C 82 5.44 16.65 -25.85
N SER C 83 5.21 15.75 -26.80
CA SER C 83 5.95 15.74 -28.06
C SER C 83 5.78 17.06 -28.82
N ALA C 84 4.56 17.60 -28.80
CA ALA C 84 4.26 18.82 -29.54
C ALA C 84 4.85 20.07 -28.87
N LYS C 85 5.42 19.91 -27.69
CA LYS C 85 5.98 21.02 -26.92
C LYS C 85 4.96 22.16 -26.73
N VAL C 86 3.77 21.82 -26.25
CA VAL C 86 2.77 22.84 -25.94
C VAL C 86 3.25 23.72 -24.77
N SER C 87 2.53 24.80 -24.50
CA SER C 87 2.93 25.72 -23.46
C SER C 87 2.57 25.22 -22.06
N GLY C 88 1.51 24.41 -21.98
CA GLY C 88 1.11 23.87 -20.70
C GLY C 88 0.14 22.70 -20.83
N ILE C 89 0.13 21.85 -19.81
CA ILE C 89 -0.76 20.71 -19.79
C ILE C 89 -1.56 20.67 -18.48
N ILE C 90 -2.87 20.67 -18.63
CA ILE C 90 -3.79 20.45 -17.52
C ILE C 90 -4.38 19.06 -17.70
N THR C 91 -4.19 18.18 -16.73
CA THR C 91 -4.58 16.80 -16.98
C THR C 91 -5.37 16.15 -15.84
N TYR C 92 -6.41 15.43 -16.23
CA TYR C 92 -7.14 14.53 -15.34
C TYR C 92 -6.26 13.32 -15.02
N VAL C 93 -6.30 12.87 -13.78
CA VAL C 93 -5.50 11.71 -13.38
C VAL C 93 -6.41 10.53 -13.02
N GLN C 94 -6.49 9.53 -13.88
CA GLN C 94 -7.47 8.47 -13.69
C GLN C 94 -7.05 7.39 -12.69
N GLU C 95 -5.75 7.15 -12.57
CA GLU C 95 -5.24 6.04 -11.76
C GLU C 95 -3.96 6.44 -11.04
N GLU C 96 -3.88 6.10 -9.77
CA GLU C 96 -2.76 6.54 -8.92
C GLU C 96 -1.44 5.94 -9.39
N GLY C 97 -0.41 6.77 -9.47
CA GLY C 97 0.93 6.30 -9.79
C GLY C 97 1.21 6.17 -11.27
N GLN C 98 0.16 6.20 -12.09
CA GLN C 98 0.31 5.93 -13.52
C GLN C 98 0.78 7.16 -14.30
N TYR C 99 0.74 8.33 -13.69
CA TYR C 99 1.03 9.59 -14.39
C TYR C 99 2.35 10.22 -13.95
N LYS C 100 2.83 9.83 -12.77
CA LYS C 100 4.02 10.44 -12.16
C LYS C 100 5.22 10.60 -13.13
N LYS C 101 5.51 9.54 -13.86
CA LYS C 101 6.67 9.53 -14.76
C LYS C 101 6.53 10.52 -15.91
N LYS C 102 5.37 10.52 -16.58
CA LYS C 102 5.15 11.41 -17.70
C LYS C 102 5.01 12.86 -17.25
N ILE C 103 4.38 13.08 -16.10
CA ILE C 103 4.27 14.43 -15.55
C ILE C 103 5.66 15.00 -15.24
N ASN C 104 6.48 14.22 -14.55
CA ASN C 104 7.82 14.66 -14.16
C ASN C 104 8.70 14.88 -15.39
N SER C 105 8.53 14.03 -16.40
CA SER C 105 9.28 14.15 -17.63
C SER C 105 8.86 15.40 -18.41
N ALA C 106 7.57 15.72 -18.37
CA ALA C 106 7.12 16.94 -19.03
C ALA C 106 7.67 18.17 -18.33
N MET C 107 7.64 18.15 -16.99
CA MET C 107 8.18 19.27 -16.21
C MET C 107 9.67 19.45 -16.46
N GLU C 108 10.39 18.34 -16.57
CA GLU C 108 11.83 18.39 -16.81
C GLU C 108 12.16 18.95 -18.19
N LYS C 109 11.21 18.83 -19.12
CA LYS C 109 11.34 19.44 -20.44
C LYS C 109 10.84 20.87 -20.44
N GLY C 110 10.51 21.39 -19.25
CA GLY C 110 10.06 22.75 -19.11
C GLY C 110 8.58 22.99 -19.41
N ILE C 111 7.78 21.94 -19.37
CA ILE C 111 6.34 22.10 -19.62
C ILE C 111 5.59 22.01 -18.30
N PRO C 112 5.02 23.14 -17.86
CA PRO C 112 4.31 23.09 -16.57
C PRO C 112 3.02 22.27 -16.67
N VAL C 113 2.77 21.47 -15.64
CA VAL C 113 1.60 20.59 -15.58
C VAL C 113 0.72 20.94 -14.37
N VAL C 114 -0.58 21.03 -14.61
CA VAL C 114 -1.56 21.11 -13.54
C VAL C 114 -2.47 19.87 -13.59
N THR C 115 -2.76 19.29 -12.45
CA THR C 115 -3.70 18.20 -12.41
C THR C 115 -5.06 18.77 -12.04
N ILE C 116 -6.11 18.20 -12.54
CA ILE C 116 -7.47 18.66 -12.31
C ILE C 116 -8.47 17.55 -12.04
N ASP C 117 -9.33 17.78 -11.08
CA ASP C 117 -10.42 16.89 -10.71
C ASP C 117 -10.10 15.44 -10.28
N SER C 118 -8.81 15.11 -10.24
CA SER C 118 -8.19 13.98 -9.61
C SER C 118 -6.70 14.27 -9.63
N ASP C 119 -6.04 14.03 -8.52
CA ASP C 119 -4.64 14.45 -8.40
C ASP C 119 -3.66 13.29 -8.54
N GLU C 120 -2.43 13.60 -8.92
CA GLU C 120 -1.28 12.70 -8.77
C GLU C 120 -0.36 13.33 -7.70
N GLU C 121 -0.64 13.03 -6.43
CA GLU C 121 0.02 13.74 -5.32
C GLU C 121 1.53 13.58 -5.33
N ASP C 122 1.98 12.39 -5.72
CA ASP C 122 3.42 12.07 -5.70
C ASP C 122 4.08 12.41 -7.04
N SER C 123 3.91 13.63 -7.50
CA SER C 123 4.58 14.07 -8.73
C SER C 123 4.97 15.53 -8.59
N ASN C 124 5.62 16.08 -9.61
CA ASN C 124 6.10 17.46 -9.56
C ASN C 124 5.14 18.49 -10.14
N ARG C 125 3.89 18.10 -10.43
CA ARG C 125 2.93 19.04 -11.02
C ARG C 125 2.87 20.28 -10.12
N ILE C 126 2.77 21.45 -10.74
CA ILE C 126 2.87 22.69 -9.99
C ILE C 126 1.65 22.93 -9.11
N ALA C 127 0.51 22.36 -9.45
CA ALA C 127 -0.69 22.54 -8.62
C ALA C 127 -1.78 21.54 -8.95
N TYR C 128 -2.58 21.21 -7.95
CA TYR C 128 -3.79 20.43 -8.15
C TYR C 128 -5.02 21.33 -7.99
N VAL C 129 -5.91 21.28 -8.98
CA VAL C 129 -7.13 22.05 -8.91
C VAL C 129 -8.34 21.11 -8.83
N GLY C 130 -8.97 21.04 -7.67
CA GLY C 130 -10.10 20.15 -7.51
C GLY C 130 -10.44 19.90 -6.05
N THR C 131 -11.31 18.92 -5.84
CA THR C 131 -11.81 18.50 -4.55
C THR C 131 -10.86 17.58 -3.78
N ASP C 132 -10.88 17.67 -2.45
CA ASP C 132 -10.36 16.62 -1.54
C ASP C 132 -11.37 15.48 -1.55
N ASN C 133 -11.07 14.44 -2.34
CA ASN C 133 -12.10 13.47 -2.71
C ASN C 133 -12.51 12.50 -1.58
N VAL C 134 -11.56 12.14 -0.72
CA VAL C 134 -11.90 11.34 0.44
C VAL C 134 -12.84 12.15 1.35
N LEU C 135 -12.51 13.42 1.51
CA LEU C 135 -13.31 14.32 2.33
C LEU C 135 -14.72 14.47 1.73
N ALA C 136 -14.82 14.53 0.41
CA ALA C 136 -16.14 14.59 -0.24
C ALA C 136 -16.93 13.32 0.06
N GLY C 137 -16.24 12.19 0.06
CA GLY C 137 -16.87 10.94 0.47
C GLY C 137 -17.43 10.96 1.89
N GLN C 138 -16.68 11.51 2.85
CA GLN C 138 -17.09 11.68 4.23
C GLN C 138 -18.30 12.62 4.30
N VAL C 139 -18.28 13.67 3.51
CA VAL C 139 -19.40 14.63 3.49
C VAL C 139 -20.67 13.92 3.01
N ALA C 140 -20.52 13.11 1.95
CA ALA C 140 -21.65 12.34 1.47
C ALA C 140 -22.16 11.36 2.54
N GLY C 141 -21.25 10.73 3.28
CA GLY C 141 -21.61 9.80 4.34
C GLY C 141 -22.45 10.48 5.42
N LYS C 142 -22.00 11.66 5.84
CA LYS C 142 -22.74 12.43 6.84
C LYS C 142 -24.16 12.78 6.35
N GLU C 143 -24.25 13.19 5.09
CA GLU C 143 -25.55 13.51 4.50
C GLU C 143 -26.45 12.28 4.40
N MET C 144 -25.84 11.14 4.10
CA MET C 144 -26.56 9.88 4.06
C MET C 144 -27.18 9.59 5.42
N VAL C 145 -26.42 9.79 6.48
CA VAL C 145 -26.96 9.51 7.82
C VAL C 145 -28.07 10.50 8.16
N LYS C 146 -27.92 11.77 7.78
CA LYS C 146 -29.03 12.71 7.95
C LYS C 146 -30.27 12.25 7.18
N GLN C 147 -30.08 11.68 6.01
CA GLN C 147 -31.20 11.35 5.15
C GLN C 147 -31.95 10.09 5.62
N ILE C 148 -31.26 9.00 5.91
CA ILE C 148 -31.98 7.77 6.24
C ILE C 148 -31.75 7.24 7.67
N GLY C 149 -30.94 7.92 8.46
CA GLY C 149 -30.70 7.50 9.83
C GLY C 149 -29.49 6.59 9.96
N THR C 150 -29.37 5.90 11.09
CA THR C 150 -28.16 5.12 11.36
C THR C 150 -28.30 3.64 11.04
N SER C 151 -29.50 3.19 10.68
CA SER C 151 -29.66 1.79 10.30
C SER C 151 -30.31 1.65 8.90
N GLY C 152 -29.84 0.67 8.14
CA GLY C 152 -30.33 0.49 6.79
C GLY C 152 -29.30 -0.02 5.80
N ASN C 153 -29.75 -0.21 4.58
CA ASN C 153 -28.90 -0.76 3.53
C ASN C 153 -28.67 0.23 2.42
N VAL C 154 -27.42 0.29 1.99
CA VAL C 154 -27.01 1.22 0.95
C VAL C 154 -26.35 0.46 -0.19
N ALA C 155 -26.55 0.92 -1.41
CA ALA C 155 -25.81 0.40 -2.53
C ALA C 155 -25.06 1.55 -3.21
N ILE C 156 -23.94 1.24 -3.83
CA ILE C 156 -23.10 2.26 -4.40
C ILE C 156 -22.96 2.09 -5.92
N VAL C 157 -23.16 3.18 -6.66
CA VAL C 157 -22.87 3.17 -8.08
C VAL C 157 -21.70 4.12 -8.35
N MET C 158 -20.57 3.58 -8.78
CA MET C 158 -19.41 4.44 -9.01
C MET C 158 -19.06 4.50 -10.48
N GLY C 159 -18.39 5.59 -10.88
CA GLY C 159 -18.12 5.83 -12.28
C GLY C 159 -16.79 5.25 -12.69
N GLY C 160 -16.69 3.93 -12.60
CA GLY C 160 -15.45 3.23 -12.87
C GLY C 160 -14.87 2.67 -11.60
N LYS C 161 -14.80 1.33 -11.50
CA LYS C 161 -14.33 0.66 -10.29
C LYS C 161 -12.83 0.88 -9.98
N ASN C 162 -12.02 1.15 -11.00
CA ASN C 162 -10.59 1.39 -10.76
C ASN C 162 -10.22 2.85 -10.95
N VAL C 163 -11.20 3.72 -10.83
CA VAL C 163 -10.96 5.15 -11.05
C VAL C 163 -10.57 5.82 -9.72
N LYS C 164 -9.44 6.52 -9.73
CA LYS C 164 -8.86 7.09 -8.51
C LYS C 164 -9.82 7.92 -7.66
N ASN C 165 -10.45 8.96 -8.22
CA ASN C 165 -11.24 9.82 -7.35
C ASN C 165 -12.58 9.16 -6.99
N GLN C 166 -12.96 8.13 -7.74
CA GLN C 166 -14.15 7.33 -7.40
C GLN C 166 -13.86 6.42 -6.19
N LYS C 167 -12.73 5.74 -6.22
CA LYS C 167 -12.29 4.96 -5.06
C LYS C 167 -12.10 5.85 -3.84
N GLU C 168 -11.59 7.06 -4.03
CA GLU C 168 -11.40 7.99 -2.92
C GLU C 168 -12.76 8.37 -2.28
N ARG C 169 -13.73 8.66 -3.09
CA ARG C 169 -15.05 9.00 -2.62
C ARG C 169 -15.70 7.81 -1.88
N VAL C 170 -15.53 6.62 -2.41
CA VAL C 170 -16.12 5.45 -1.76
C VAL C 170 -15.42 5.18 -0.43
N GLU C 171 -14.11 5.42 -0.40
CA GLU C 171 -13.30 5.23 0.79
C GLU C 171 -13.75 6.15 1.93
N GLY C 172 -13.89 7.43 1.63
CA GLY C 172 -14.34 8.39 2.64
C GLY C 172 -15.77 8.11 3.10
N PHE C 173 -16.64 7.80 2.13
CA PHE C 173 -18.01 7.44 2.46
C PHE C 173 -18.03 6.26 3.44
N THR C 174 -17.28 5.21 3.10
CA THR C 174 -17.29 3.97 3.87
C THR C 174 -16.73 4.22 5.29
N GLN C 175 -15.61 4.93 5.38
CA GLN C 175 -15.03 5.28 6.68
C GLN C 175 -16.06 5.97 7.56
N TYR C 176 -16.70 6.99 6.98
CA TYR C 176 -17.67 7.73 7.75
C TYR C 176 -18.82 6.85 8.24
N ILE C 177 -19.48 6.11 7.35
CA ILE C 177 -20.66 5.39 7.83
C ILE C 177 -20.28 4.20 8.72
N LYS C 178 -19.03 3.73 8.59
CA LYS C 178 -18.54 2.69 9.48
C LYS C 178 -18.40 3.23 10.92
N SER C 179 -17.91 4.46 11.04
CA SER C 179 -17.66 4.96 12.39
C SER C 179 -18.89 5.63 12.99
N ASN C 180 -19.82 6.07 12.14
CA ASN C 180 -20.91 6.93 12.61
C ASN C 180 -22.32 6.37 12.47
N SER C 181 -22.43 5.10 12.13
CA SER C 181 -23.73 4.50 11.95
C SER C 181 -23.61 3.00 11.94
N ASN C 182 -24.74 2.34 11.74
CA ASN C 182 -24.79 0.91 11.53
C ASN C 182 -25.24 0.59 10.11
N LEU C 183 -25.19 1.59 9.23
CA LEU C 183 -25.54 1.40 7.82
C LEU C 183 -24.64 0.32 7.19
N LYS C 184 -25.26 -0.54 6.38
CA LYS C 184 -24.53 -1.59 5.69
C LYS C 184 -24.50 -1.34 4.18
N ILE C 185 -23.32 -1.41 3.59
CA ILE C 185 -23.15 -1.38 2.14
C ILE C 185 -23.34 -2.79 1.59
N VAL C 186 -24.46 -3.04 0.91
CA VAL C 186 -24.79 -4.40 0.48
C VAL C 186 -24.41 -4.67 -0.97
N ASP C 187 -24.18 -3.63 -1.76
CA ASP C 187 -23.83 -3.82 -3.17
C ASP C 187 -23.05 -2.62 -3.68
N THR C 188 -22.08 -2.91 -4.56
CA THR C 188 -21.26 -1.88 -5.19
C THR C 188 -21.05 -2.26 -6.63
N ASP C 189 -21.28 -1.34 -7.54
CA ASP C 189 -21.04 -1.66 -8.95
C ASP C 189 -20.70 -0.40 -9.73
N SER C 190 -20.38 -0.57 -11.01
CA SER C 190 -19.80 0.51 -11.77
C SER C 190 -20.62 0.86 -12.99
N SER C 191 -20.66 2.15 -13.31
CA SER C 191 -21.29 2.64 -14.54
C SER C 191 -20.27 3.06 -15.61
N ASP C 192 -18.98 3.03 -15.25
CA ASP C 192 -17.93 3.63 -16.06
C ASP C 192 -18.27 5.08 -16.46
N ALA C 193 -18.94 5.79 -15.55
CA ALA C 193 -19.28 7.20 -15.70
C ALA C 193 -20.24 7.51 -16.88
N MET C 194 -20.89 6.49 -17.45
CA MET C 194 -21.86 6.58 -18.55
C MET C 194 -23.35 6.54 -18.09
N LEU C 195 -24.19 7.40 -18.65
CA LEU C 195 -25.58 7.53 -18.20
C LEU C 195 -26.43 6.26 -18.37
N LEU C 196 -26.42 5.72 -19.58
CA LEU C 196 -27.21 4.53 -19.86
C LEU C 196 -26.74 3.37 -18.99
N GLU C 197 -25.43 3.19 -18.91
CA GLU C 197 -24.89 2.09 -18.13
C GLU C 197 -25.25 2.26 -16.66
N ALA C 198 -25.26 3.50 -16.16
CA ALA C 198 -25.69 3.75 -14.78
C ALA C 198 -27.14 3.34 -14.57
N GLU C 199 -27.96 3.61 -15.58
CA GLU C 199 -29.35 3.21 -15.50
C GLU C 199 -29.48 1.68 -15.42
N ILE C 200 -28.78 0.99 -16.31
CA ILE C 200 -28.80 -0.47 -16.38
C ILE C 200 -28.29 -1.11 -15.09
N ILE C 201 -27.15 -0.63 -14.62
CA ILE C 201 -26.55 -1.24 -13.44
C ILE C 201 -27.38 -0.93 -12.20
N THR C 202 -28.03 0.23 -12.17
CA THR C 202 -28.86 0.54 -11.02
C THR C 202 -30.09 -0.36 -11.03
N ARG C 203 -30.69 -0.57 -12.20
CA ARG C 203 -31.79 -1.53 -12.27
C ARG C 203 -31.32 -2.90 -11.79
N LYS C 204 -30.13 -3.32 -12.21
CA LYS C 204 -29.63 -4.63 -11.81
C LYS C 204 -29.47 -4.71 -10.29
N ILE C 205 -28.91 -3.66 -9.69
CA ILE C 205 -28.74 -3.61 -8.24
C ILE C 205 -30.09 -3.65 -7.50
N LEU C 206 -31.10 -2.94 -8.01
CA LEU C 206 -32.42 -2.90 -7.37
C LEU C 206 -33.14 -4.25 -7.42
N ASN C 207 -32.96 -4.95 -8.51
CA ASN C 207 -33.44 -6.28 -8.73
C ASN C 207 -32.77 -7.40 -7.94
N ARG C 208 -31.48 -7.35 -7.68
CA ARG C 208 -30.75 -8.41 -7.00
C ARG C 208 -30.53 -8.22 -5.52
N ASN C 209 -31.11 -7.19 -5.00
CA ASN C 209 -31.05 -6.84 -3.57
C ASN C 209 -32.46 -6.62 -3.02
N ASP C 210 -32.76 -7.21 -1.87
CA ASP C 210 -34.11 -7.18 -1.34
C ASP C 210 -34.52 -5.83 -0.77
N ASN C 211 -33.75 -5.32 0.19
CA ASN C 211 -34.18 -4.12 0.91
C ASN C 211 -33.16 -2.98 0.90
N ILE C 212 -32.93 -2.40 -0.26
CA ILE C 212 -32.09 -1.22 -0.35
C ILE C 212 -32.83 0.01 0.14
N ASN C 213 -32.22 0.75 1.07
CA ASN C 213 -32.81 1.99 1.55
C ASN C 213 -32.22 3.22 0.87
N ALA C 214 -30.99 3.12 0.37
CA ALA C 214 -30.46 4.27 -0.35
C ALA C 214 -29.41 3.90 -1.38
N LEU C 215 -29.22 4.80 -2.34
CA LEU C 215 -28.16 4.70 -3.35
C LEU C 215 -27.20 5.87 -3.17
N PHE C 216 -25.91 5.56 -3.18
CA PHE C 216 -24.85 6.56 -3.21
C PHE C 216 -24.21 6.52 -4.60
N CYS C 217 -24.29 7.64 -5.33
CA CYS C 217 -23.78 7.73 -6.70
C CYS C 217 -22.64 8.75 -6.79
N THR C 218 -21.48 8.29 -7.26
CA THR C 218 -20.25 9.05 -7.04
C THR C 218 -19.65 9.81 -8.26
N SER C 219 -20.31 9.68 -9.41
CA SER C 219 -19.94 10.31 -10.67
C SER C 219 -21.12 11.19 -11.22
N ALA C 220 -20.84 12.24 -11.99
CA ALA C 220 -21.88 13.20 -12.35
C ALA C 220 -23.14 12.62 -13.02
N LEU C 221 -22.98 11.66 -13.92
CA LEU C 221 -24.13 11.10 -14.64
C LEU C 221 -24.83 9.95 -13.90
N ASP C 222 -24.15 9.40 -12.88
CA ASP C 222 -24.66 8.28 -12.09
C ASP C 222 -25.98 8.54 -11.39
N GLY C 223 -26.12 9.69 -10.76
CA GLY C 223 -27.35 10.01 -10.06
C GLY C 223 -28.49 10.19 -11.06
N ILE C 224 -28.17 10.68 -12.27
CA ILE C 224 -29.22 10.84 -13.28
C ILE C 224 -29.74 9.47 -13.73
N GLY C 225 -28.82 8.55 -13.99
CA GLY C 225 -29.18 7.19 -14.39
C GLY C 225 -29.92 6.46 -13.28
N ALA C 226 -29.41 6.60 -12.05
CA ALA C 226 -30.00 5.95 -10.89
C ALA C 226 -31.42 6.47 -10.68
N ALA C 227 -31.61 7.77 -10.85
CA ALA C 227 -32.92 8.40 -10.66
C ALA C 227 -33.89 7.84 -11.70
N ARG C 228 -33.41 7.68 -12.94
CA ARG C 228 -34.22 7.05 -13.97
C ARG C 228 -34.67 5.66 -13.54
N ALA C 229 -33.72 4.86 -13.05
CA ALA C 229 -34.02 3.50 -12.61
C ALA C 229 -35.03 3.46 -11.45
N VAL C 230 -34.82 4.27 -10.42
CA VAL C 230 -35.69 4.21 -9.26
C VAL C 230 -37.09 4.72 -9.60
N LYS C 231 -37.17 5.68 -10.52
CA LYS C 231 -38.49 6.11 -10.96
C LYS C 231 -39.18 5.01 -11.75
N ASP C 232 -38.49 4.47 -12.76
CA ASP C 232 -39.08 3.46 -13.65
C ASP C 232 -39.51 2.22 -12.89
N LEU C 233 -38.79 1.86 -11.83
CA LEU C 233 -39.10 0.65 -11.09
C LEU C 233 -40.08 0.87 -9.92
N ASN C 234 -40.58 2.10 -9.78
CA ASN C 234 -41.54 2.46 -8.73
C ASN C 234 -40.94 2.33 -7.33
N TYR C 235 -39.73 2.85 -7.14
CA TYR C 235 -39.03 2.73 -5.86
C TYR C 235 -38.87 4.08 -5.15
N LYS C 236 -39.54 5.06 -5.72
CA LYS C 236 -39.43 6.42 -5.30
C LYS C 236 -39.70 6.66 -3.85
N ASP C 237 -40.66 5.99 -3.20
CA ASP C 237 -40.75 6.16 -1.74
C ASP C 237 -39.92 5.06 -1.10
N ARG C 238 -39.17 4.23 -1.81
CA ARG C 238 -38.50 3.16 -1.07
C ARG C 238 -36.99 3.45 -1.02
N VAL C 239 -36.47 4.13 -2.03
CA VAL C 239 -35.03 4.31 -2.17
C VAL C 239 -34.65 5.78 -2.28
N LYS C 240 -33.83 6.27 -1.35
CA LYS C 240 -33.35 7.64 -1.47
C LYS C 240 -32.05 7.68 -2.26
N ILE C 241 -31.78 8.82 -2.89
CA ILE C 241 -30.55 9.00 -3.66
C ILE C 241 -29.72 10.20 -3.18
N ILE C 242 -28.45 9.87 -2.94
CA ILE C 242 -27.43 10.86 -2.71
C ILE C 242 -26.42 10.75 -3.83
N CYS C 243 -26.24 11.82 -4.59
CA CYS C 243 -25.35 11.70 -5.75
C CYS C 243 -24.34 12.84 -5.86
N PHE C 244 -23.61 12.87 -6.97
CA PHE C 244 -22.65 13.95 -7.22
C PHE C 244 -23.03 14.96 -8.32
N ASP C 245 -22.59 16.21 -8.09
CA ASP C 245 -22.57 17.31 -9.06
C ASP C 245 -23.92 17.93 -9.39
N ASP C 246 -23.88 19.12 -10.01
CA ASP C 246 -25.06 19.94 -10.15
C ASP C 246 -25.52 20.07 -11.60
N LEU C 247 -25.51 18.96 -12.32
CA LEU C 247 -26.08 18.93 -13.66
C LEU C 247 -27.58 19.23 -13.60
N ASP C 248 -28.12 19.83 -14.66
CA ASP C 248 -29.54 20.28 -14.69
C ASP C 248 -30.54 19.22 -14.26
N ASP C 249 -30.42 18.01 -14.80
CA ASP C 249 -31.35 16.95 -14.45
C ASP C 249 -31.26 16.60 -12.97
N THR C 250 -30.07 16.65 -12.40
CA THR C 250 -29.93 16.35 -10.98
C THR C 250 -30.68 17.37 -10.14
N LEU C 251 -30.53 18.65 -10.48
CA LEU C 251 -31.25 19.70 -9.74
C LEU C 251 -32.77 19.57 -9.90
N SER C 252 -33.22 19.22 -11.10
CA SER C 252 -34.65 18.93 -11.29
C SER C 252 -35.09 17.76 -10.43
N ASN C 253 -34.24 16.75 -10.32
CA ASN C 253 -34.56 15.58 -9.51
C ASN C 253 -34.60 15.93 -8.04
N ILE C 254 -33.82 16.93 -7.63
CA ILE C 254 -33.86 17.38 -6.26
C ILE C 254 -35.18 18.13 -6.02
N ARG C 255 -35.61 18.93 -7.00
CA ARG C 255 -36.89 19.64 -6.89
C ARG C 255 -38.08 18.69 -6.79
N ASN C 256 -38.13 17.66 -7.65
CA ASN C 256 -39.29 16.77 -7.66
C ASN C 256 -39.17 15.61 -6.67
N GLY C 257 -38.11 15.61 -5.85
CA GLY C 257 -38.01 14.67 -4.76
C GLY C 257 -37.44 13.29 -5.08
N LEU C 258 -37.02 13.09 -6.32
CA LEU C 258 -36.39 11.83 -6.73
C LEU C 258 -34.97 11.67 -6.17
N VAL C 259 -34.27 12.79 -6.02
CA VAL C 259 -32.93 12.76 -5.43
C VAL C 259 -32.97 13.58 -4.16
N SER C 260 -32.41 13.03 -3.09
CA SER C 260 -32.50 13.69 -1.79
C SER C 260 -31.37 14.67 -1.58
N ALA C 261 -30.19 14.36 -2.12
CA ALA C 261 -29.10 15.33 -1.96
C ALA C 261 -28.05 15.17 -3.03
N THR C 262 -27.37 16.25 -3.34
CA THR C 262 -26.22 16.09 -4.20
C THR C 262 -25.02 16.87 -3.68
N ILE C 263 -23.85 16.33 -3.98
CA ILE C 263 -22.58 16.89 -3.52
C ILE C 263 -22.00 17.67 -4.70
N VAL C 264 -21.95 18.99 -4.55
CA VAL C 264 -21.62 19.88 -5.66
C VAL C 264 -20.17 20.31 -5.65
N GLN C 265 -19.48 20.06 -6.77
CA GLN C 265 -18.16 20.62 -7.02
C GLN C 265 -18.26 21.87 -7.91
N LYS C 266 -17.18 22.65 -7.96
CA LYS C 266 -17.13 23.89 -8.72
C LYS C 266 -16.39 23.65 -10.05
N SER C 267 -17.01 22.90 -10.95
CA SER C 267 -16.37 22.46 -12.19
C SER C 267 -15.83 23.61 -13.06
N ASN C 268 -16.70 24.60 -13.31
CA ASN C 268 -16.35 25.76 -14.13
C ASN C 268 -15.13 26.48 -13.54
N GLU C 269 -15.20 26.72 -12.25
CA GLU C 269 -14.13 27.38 -11.52
C GLU C 269 -12.83 26.56 -11.58
N MET C 270 -12.93 25.23 -11.60
CA MET C 270 -11.74 24.40 -11.72
C MET C 270 -11.05 24.64 -13.07
N GLY C 271 -11.84 24.66 -14.16
CA GLY C 271 -11.27 24.96 -15.47
C GLY C 271 -10.58 26.34 -15.50
N TYR C 272 -11.32 27.31 -14.99
CA TYR C 272 -10.87 28.71 -14.95
C TYR C 272 -9.55 28.86 -14.21
N ARG C 273 -9.52 28.30 -13.01
CA ARG C 273 -8.35 28.38 -12.14
C ARG C 273 -7.13 27.68 -12.74
N ALA C 274 -7.33 26.46 -13.24
CA ALA C 274 -6.23 25.70 -13.84
C ALA C 274 -5.54 26.51 -14.95
N VAL C 275 -6.35 27.12 -15.82
CA VAL C 275 -5.76 27.90 -16.91
C VAL C 275 -5.02 29.11 -16.35
N ASN C 276 -5.61 29.79 -15.36
CA ASN C 276 -4.94 30.98 -14.80
C ASN C 276 -3.61 30.65 -14.13
N ILE C 277 -3.52 29.47 -13.51
CA ILE C 277 -2.28 29.00 -12.89
C ILE C 277 -1.20 28.70 -13.94
N ILE C 278 -1.61 28.05 -15.04
CA ILE C 278 -0.65 27.81 -16.12
C ILE C 278 -0.14 29.14 -16.67
N MET C 279 -1.05 30.08 -16.89
CA MET C 279 -0.63 31.34 -17.49
C MET C 279 0.27 32.16 -16.54
N ASP C 280 -0.04 32.12 -15.25
CA ASP C 280 0.82 32.77 -14.26
C ASP C 280 2.21 32.18 -14.33
N LYS C 281 2.30 30.85 -14.34
CA LYS C 281 3.60 30.19 -14.41
C LYS C 281 4.36 30.59 -15.68
N ILE C 282 3.71 30.45 -16.84
CA ILE C 282 4.30 30.79 -18.13
C ILE C 282 4.84 32.22 -18.17
N GLU C 283 4.09 33.14 -17.58
CA GLU C 283 4.48 34.55 -17.57
C GLU C 283 5.39 34.91 -16.39
N GLY C 284 5.67 33.93 -15.52
CA GLY C 284 6.69 34.10 -14.50
C GLY C 284 6.25 34.79 -13.21
N LYS C 285 5.07 34.44 -12.71
CA LYS C 285 4.61 34.99 -11.43
C LYS C 285 4.21 33.77 -10.58
N SER C 286 3.61 34.04 -9.43
CA SER C 286 3.39 33.05 -8.36
C SER C 286 1.92 32.64 -8.28
N SER C 292 -4.37 25.22 -1.80
CA SER C 292 -5.68 24.97 -1.20
C SER C 292 -6.73 24.33 -2.16
N LEU C 293 -7.27 23.27 -1.67
CA LEU C 293 -8.25 22.41 -2.33
C LEU C 293 -9.63 23.05 -2.26
N ILE C 294 -10.52 22.64 -3.15
CA ILE C 294 -11.79 23.34 -3.32
C ILE C 294 -12.92 22.67 -2.57
N ASP C 295 -13.60 23.43 -1.73
CA ASP C 295 -14.67 22.87 -0.90
C ASP C 295 -15.85 22.38 -1.76
N VAL C 296 -16.54 21.39 -1.20
CA VAL C 296 -17.70 20.82 -1.81
C VAL C 296 -18.92 21.39 -1.08
N ASN C 297 -20.08 21.43 -1.74
CA ASN C 297 -21.26 21.90 -1.02
C ASN C 297 -22.43 20.95 -1.16
N VAL C 298 -23.21 20.77 -0.10
CA VAL C 298 -24.38 19.91 -0.22
C VAL C 298 -25.62 20.69 -0.66
N ILE C 299 -26.30 20.18 -1.67
CA ILE C 299 -27.59 20.75 -2.07
C ILE C 299 -28.76 19.81 -1.76
N ASN C 300 -29.77 20.33 -1.12
CA ASN C 300 -31.01 19.66 -0.77
C ASN C 300 -32.24 20.40 -1.31
N LYS C 301 -33.41 19.83 -1.15
CA LYS C 301 -34.61 20.46 -1.59
C LYS C 301 -34.74 21.72 -0.74
N SER C 302 -35.12 22.82 -1.34
CA SER C 302 -35.34 24.15 -0.71
C SER C 302 -34.50 25.17 -1.37
N LYS D 28 48.26 7.82 -18.85
CA LYS D 28 47.34 6.70 -18.95
C LYS D 28 45.90 7.15 -18.73
N PRO D 29 44.93 6.35 -19.21
CA PRO D 29 43.53 6.62 -18.85
C PRO D 29 43.37 6.58 -17.34
N LYS D 30 42.70 7.58 -16.76
CA LYS D 30 42.46 7.54 -15.33
C LYS D 30 40.98 7.23 -15.05
N ILE D 31 40.75 6.19 -14.27
CA ILE D 31 39.40 5.75 -13.97
C ILE D 31 39.10 5.96 -12.49
N VAL D 32 38.06 6.72 -12.20
CA VAL D 32 37.68 6.95 -10.82
C VAL D 32 36.73 5.85 -10.36
N LEU D 33 36.98 5.33 -9.17
CA LEU D 33 36.10 4.36 -8.55
C LEU D 33 35.58 4.96 -7.25
N ILE D 34 34.28 5.20 -7.17
CA ILE D 34 33.69 5.82 -5.98
C ILE D 34 32.94 4.77 -5.17
N SER D 35 33.41 4.52 -3.96
CA SER D 35 32.87 3.46 -3.13
C SER D 35 31.82 3.98 -2.16
N HIS D 36 31.06 3.05 -1.59
CA HIS D 36 30.07 3.34 -0.56
C HIS D 36 30.78 3.92 0.66
N ILE D 37 31.73 3.16 1.16
CA ILE D 37 32.55 3.53 2.31
C ILE D 37 33.96 3.03 2.03
N LYS D 38 34.93 3.93 2.11
CA LYS D 38 36.26 3.71 1.57
C LYS D 38 37.08 2.66 2.33
N THR D 39 36.80 2.49 3.62
CA THR D 39 37.60 1.62 4.47
C THR D 39 36.94 0.26 4.68
N ASN D 40 35.73 0.10 4.14
CA ASN D 40 34.99 -1.15 4.26
C ASN D 40 35.73 -2.24 3.47
N PRO D 41 35.99 -3.39 4.10
CA PRO D 41 36.82 -4.45 3.49
C PRO D 41 36.22 -5.04 2.20
N TYR D 42 34.90 -4.93 2.07
CA TYR D 42 34.21 -5.33 0.85
C TYR D 42 34.65 -4.45 -0.32
N TRP D 43 34.73 -3.17 -0.05
CA TRP D 43 35.16 -2.20 -1.06
C TRP D 43 36.67 -2.25 -1.30
N LEU D 44 37.44 -2.65 -0.29
CA LEU D 44 38.87 -2.84 -0.52
C LEU D 44 39.06 -4.04 -1.44
N ASP D 45 38.16 -5.01 -1.34
CA ASP D 45 38.24 -6.16 -2.24
C ASP D 45 37.86 -5.76 -3.69
N ILE D 46 36.79 -4.99 -3.82
CA ILE D 46 36.44 -4.44 -5.12
C ILE D 46 37.64 -3.69 -5.70
N LYS D 47 38.27 -2.85 -4.89
CA LYS D 47 39.48 -2.11 -5.25
C LYS D 47 40.58 -3.01 -5.78
N ALA D 48 40.76 -4.15 -5.11
CA ALA D 48 41.77 -5.10 -5.53
C ALA D 48 41.52 -5.62 -6.95
N GLY D 49 40.27 -6.04 -7.20
CA GLY D 49 39.90 -6.50 -8.53
C GLY D 49 40.12 -5.42 -9.59
N ALA D 50 39.74 -4.19 -9.23
CA ALA D 50 39.90 -3.06 -10.14
C ALA D 50 41.36 -2.75 -10.47
N GLU D 51 42.23 -2.81 -9.46
CA GLU D 51 43.66 -2.57 -9.69
C GLU D 51 44.26 -3.65 -10.56
N ARG D 52 43.81 -4.89 -10.38
CA ARG D 52 44.34 -5.97 -11.22
C ARG D 52 43.96 -5.71 -12.68
N ALA D 53 42.70 -5.34 -12.91
CA ALA D 53 42.31 -4.97 -14.27
C ALA D 53 43.13 -3.78 -14.80
N ALA D 54 43.35 -2.79 -13.96
CA ALA D 54 44.08 -1.57 -14.34
C ALA D 54 45.51 -1.87 -14.76
N LYS D 55 46.16 -2.76 -14.02
CA LYS D 55 47.50 -3.19 -14.36
C LYS D 55 47.51 -3.92 -15.70
N GLU D 56 46.55 -4.81 -15.92
CA GLU D 56 46.51 -5.52 -17.19
C GLU D 56 46.19 -4.61 -18.41
N ARG D 57 45.34 -3.63 -18.24
CA ARG D 57 44.92 -2.78 -19.31
C ARG D 57 45.66 -1.46 -19.48
N GLY D 58 46.66 -1.21 -18.67
CA GLY D 58 47.42 0.03 -18.75
C GLY D 58 46.66 1.27 -18.28
N ALA D 59 45.84 1.10 -17.25
CA ALA D 59 45.08 2.22 -16.70
C ALA D 59 45.51 2.54 -15.27
N VAL D 60 45.08 3.68 -14.77
CA VAL D 60 45.28 4.02 -13.37
C VAL D 60 43.92 4.19 -12.73
N VAL D 61 43.75 3.57 -11.56
CA VAL D 61 42.48 3.65 -10.84
C VAL D 61 42.61 4.62 -9.68
N GLU D 62 41.68 5.56 -9.58
CA GLU D 62 41.66 6.46 -8.44
C GLU D 62 40.51 6.05 -7.53
N PHE D 63 40.84 5.44 -6.40
CA PHE D 63 39.85 4.88 -5.49
C PHE D 63 39.40 5.92 -4.47
N LEU D 64 38.13 6.32 -4.56
CA LEU D 64 37.59 7.35 -3.68
C LEU D 64 36.38 6.87 -2.88
N GLY D 65 36.01 7.64 -1.86
CA GLY D 65 34.79 7.38 -1.12
C GLY D 65 34.85 8.06 0.23
N PRO D 66 33.69 8.35 0.82
CA PRO D 66 33.70 8.94 2.16
C PRO D 66 34.06 7.89 3.21
N THR D 67 34.36 8.32 4.43
CA THR D 67 34.67 7.39 5.51
C THR D 67 33.41 7.00 6.26
N THR D 68 32.40 7.85 6.15
CA THR D 68 31.07 7.59 6.68
C THR D 68 30.11 7.69 5.51
N ALA D 69 29.22 6.71 5.36
CA ALA D 69 28.28 6.69 4.24
C ALA D 69 27.51 7.99 4.12
N SER D 70 27.55 8.55 2.91
CA SER D 70 26.87 9.81 2.63
C SER D 70 26.65 9.95 1.15
N THR D 71 25.39 10.06 0.76
CA THR D 71 25.02 10.25 -0.64
C THR D 71 25.58 11.57 -1.16
N GLU D 72 25.45 12.63 -0.38
CA GLU D 72 25.90 13.94 -0.86
C GLU D 72 27.40 13.95 -1.10
N ASP D 73 28.15 13.23 -0.26
CA ASP D 73 29.59 13.16 -0.45
C ASP D 73 29.92 12.37 -1.72
N GLY D 74 29.18 11.29 -1.98
CA GLY D 74 29.38 10.50 -3.18
C GLY D 74 29.14 11.36 -4.41
N LEU D 75 28.05 12.12 -4.39
CA LEU D 75 27.70 13.00 -5.50
C LEU D 75 28.78 14.06 -5.73
N LYS D 76 29.32 14.59 -4.62
CA LYS D 76 30.39 15.55 -4.68
C LYS D 76 31.64 14.98 -5.35
N LEU D 77 31.99 13.77 -4.95
CA LEU D 77 33.12 13.08 -5.54
C LEU D 77 32.90 12.86 -7.04
N PHE D 78 31.67 12.52 -7.41
CA PHE D 78 31.30 12.34 -8.82
C PHE D 78 31.49 13.65 -9.60
N ASP D 79 31.06 14.76 -9.00
CA ASP D 79 31.21 16.08 -9.63
C ASP D 79 32.68 16.47 -9.81
N MET D 80 33.49 16.19 -8.80
CA MET D 80 34.92 16.47 -8.92
C MET D 80 35.54 15.62 -10.03
N ALA D 81 35.07 14.37 -10.14
CA ALA D 81 35.56 13.48 -11.19
C ALA D 81 35.20 14.02 -12.58
N THR D 82 33.96 14.46 -12.71
CA THR D 82 33.48 15.01 -13.98
C THR D 82 34.25 16.26 -14.38
N SER D 83 34.40 17.18 -13.44
CA SER D 83 35.10 18.42 -13.71
C SER D 83 36.56 18.20 -14.04
N ALA D 84 37.14 17.11 -13.53
CA ALA D 84 38.53 16.78 -13.83
C ALA D 84 38.67 16.10 -15.19
N LYS D 85 37.54 15.70 -15.77
CA LYS D 85 37.53 15.05 -17.07
C LYS D 85 38.37 13.77 -17.06
N VAL D 86 38.07 12.88 -16.13
CA VAL D 86 38.78 11.61 -16.09
C VAL D 86 38.31 10.77 -17.25
N SER D 87 39.00 9.67 -17.53
CA SER D 87 38.64 8.81 -18.66
C SER D 87 37.39 7.96 -18.42
N GLY D 88 37.09 7.66 -17.16
CA GLY D 88 35.98 6.80 -16.84
C GLY D 88 35.57 6.94 -15.39
N ILE D 89 34.31 6.68 -15.10
CA ILE D 89 33.82 6.75 -13.73
C ILE D 89 33.05 5.48 -13.39
N ILE D 90 33.53 4.77 -12.37
CA ILE D 90 32.81 3.64 -11.81
C ILE D 90 32.22 4.08 -10.48
N THR D 91 30.90 4.06 -10.35
CA THR D 91 30.30 4.61 -9.14
C THR D 91 29.24 3.75 -8.44
N TYR D 92 29.32 3.73 -7.12
CA TYR D 92 28.28 3.20 -6.25
C TYR D 92 27.08 4.16 -6.27
N VAL D 93 25.87 3.62 -6.20
CA VAL D 93 24.66 4.43 -6.14
C VAL D 93 23.96 4.22 -4.80
N GLN D 94 24.01 5.23 -3.93
CA GLN D 94 23.46 5.02 -2.59
C GLN D 94 21.94 5.18 -2.55
N GLU D 95 21.37 5.98 -3.45
CA GLU D 95 19.94 6.30 -3.38
C GLU D 95 19.29 6.44 -4.74
N GLU D 96 18.19 5.73 -4.93
CA GLU D 96 17.53 5.68 -6.24
C GLU D 96 17.13 7.07 -6.70
N GLY D 97 17.46 7.40 -7.94
CA GLY D 97 17.01 8.64 -8.56
C GLY D 97 17.95 9.81 -8.36
N GLN D 98 18.86 9.69 -7.40
CA GLN D 98 19.71 10.81 -7.01
C GLN D 98 20.94 10.97 -7.89
N TYR D 99 21.17 10.03 -8.80
CA TYR D 99 22.39 9.99 -9.57
C TYR D 99 22.13 10.17 -11.05
N LYS D 100 20.90 9.89 -11.46
CA LYS D 100 20.50 9.92 -12.88
C LYS D 100 21.03 11.14 -13.62
N LYS D 101 20.72 12.32 -13.09
CA LYS D 101 21.10 13.56 -13.77
C LYS D 101 22.60 13.70 -13.96
N LYS D 102 23.39 13.43 -12.93
CA LYS D 102 24.83 13.64 -13.05
C LYS D 102 25.49 12.57 -13.91
N ILE D 103 24.98 11.34 -13.82
CA ILE D 103 25.46 10.27 -14.70
C ILE D 103 25.23 10.62 -16.16
N ASN D 104 23.99 10.99 -16.48
CA ASN D 104 23.63 11.34 -17.86
C ASN D 104 24.44 12.53 -18.35
N SER D 105 24.58 13.53 -17.49
CA SER D 105 25.35 14.72 -17.82
C SER D 105 26.83 14.37 -18.08
N ALA D 106 27.36 13.41 -17.32
CA ALA D 106 28.74 12.99 -17.53
C ALA D 106 28.88 12.24 -18.85
N MET D 107 27.90 11.40 -19.16
CA MET D 107 27.91 10.67 -20.42
C MET D 107 27.88 11.64 -21.60
N GLU D 108 27.05 12.67 -21.51
CA GLU D 108 26.92 13.62 -22.59
C GLU D 108 28.24 14.37 -22.83
N LYS D 109 28.98 14.63 -21.75
CA LYS D 109 30.31 15.25 -21.82
C LYS D 109 31.37 14.26 -22.30
N GLY D 110 30.94 13.04 -22.65
CA GLY D 110 31.84 12.03 -23.18
C GLY D 110 32.52 11.12 -22.16
N ILE D 111 32.00 11.08 -20.94
CA ILE D 111 32.62 10.24 -19.91
C ILE D 111 31.80 8.99 -19.66
N PRO D 112 32.36 7.83 -19.98
CA PRO D 112 31.60 6.59 -19.75
C PRO D 112 31.45 6.34 -18.25
N VAL D 113 30.22 5.98 -17.85
CA VAL D 113 29.91 5.70 -16.47
C VAL D 113 29.42 4.26 -16.31
N VAL D 114 30.03 3.57 -15.35
CA VAL D 114 29.61 2.23 -14.95
C VAL D 114 29.14 2.29 -13.50
N THR D 115 28.00 1.70 -13.20
CA THR D 115 27.56 1.65 -11.82
C THR D 115 27.99 0.31 -11.25
N ILE D 116 28.29 0.30 -9.99
CA ILE D 116 28.73 -0.88 -9.32
C ILE D 116 28.08 -1.12 -7.95
N ASP D 117 27.84 -2.38 -7.64
CA ASP D 117 27.27 -2.84 -6.35
C ASP D 117 26.04 -2.10 -5.77
N SER D 118 25.38 -1.30 -6.60
CA SER D 118 24.02 -0.77 -6.54
C SER D 118 23.84 0.00 -7.82
N ASP D 119 22.71 -0.17 -8.43
CA ASP D 119 22.48 0.39 -9.76
C ASP D 119 21.61 1.64 -9.74
N GLU D 120 21.74 2.45 -10.80
CA GLU D 120 20.79 3.53 -11.06
C GLU D 120 20.10 3.19 -12.38
N GLU D 121 19.06 2.36 -12.32
CA GLU D 121 18.47 1.73 -13.51
C GLU D 121 18.01 2.74 -14.55
N ASP D 122 17.48 3.87 -14.09
CA ASP D 122 16.87 4.83 -15.01
C ASP D 122 17.89 5.87 -15.49
N SER D 123 19.06 5.40 -15.90
CA SER D 123 20.08 6.32 -16.41
C SER D 123 20.75 5.72 -17.63
N ASN D 124 21.66 6.49 -18.23
CA ASN D 124 22.34 6.06 -19.44
C ASN D 124 23.67 5.38 -19.18
N ARG D 125 23.91 4.93 -17.96
CA ARG D 125 25.18 4.28 -17.60
C ARG D 125 25.38 3.13 -18.57
N ILE D 126 26.60 2.89 -19.02
CA ILE D 126 26.77 1.91 -20.07
C ILE D 126 26.62 0.48 -19.54
N ALA D 127 26.88 0.27 -18.25
CA ALA D 127 26.65 -1.04 -17.66
C ALA D 127 26.57 -0.97 -16.14
N TYR D 128 25.83 -1.92 -15.56
CA TYR D 128 25.81 -2.11 -14.12
C TYR D 128 26.56 -3.41 -13.79
N VAL D 129 27.51 -3.32 -12.88
CA VAL D 129 28.26 -4.47 -12.45
C VAL D 129 27.91 -4.79 -11.00
N GLY D 130 27.17 -5.86 -10.79
CA GLY D 130 26.81 -6.23 -9.44
C GLY D 130 25.67 -7.21 -9.40
N THR D 131 25.11 -7.35 -8.21
CA THR D 131 24.07 -8.32 -7.88
C THR D 131 22.68 -7.77 -8.21
N ASP D 132 21.75 -8.66 -8.57
CA ASP D 132 20.29 -8.38 -8.55
C ASP D 132 19.84 -8.39 -7.08
N ASN D 133 19.71 -7.21 -6.47
CA ASN D 133 19.64 -7.16 -5.01
C ASN D 133 18.30 -7.65 -4.40
N VAL D 134 17.19 -7.40 -5.07
CA VAL D 134 15.92 -7.97 -4.65
C VAL D 134 16.02 -9.50 -4.68
N LEU D 135 16.60 -10.01 -5.76
CA LEU D 135 16.80 -11.44 -5.92
C LEU D 135 17.67 -12.00 -4.79
N ALA D 136 18.74 -11.28 -4.44
CA ALA D 136 19.61 -11.74 -3.32
C ALA D 136 18.81 -11.79 -2.03
N GLY D 137 17.93 -10.81 -1.84
CA GLY D 137 17.03 -10.84 -0.70
C GLY D 137 16.14 -12.08 -0.68
N GLN D 138 15.63 -12.46 -1.85
CA GLN D 138 14.77 -13.65 -1.91
C GLN D 138 15.59 -14.91 -1.62
N VAL D 139 16.83 -14.94 -2.10
CA VAL D 139 17.72 -16.08 -1.85
C VAL D 139 17.96 -16.22 -0.33
N ALA D 140 18.22 -15.10 0.33
CA ALA D 140 18.35 -15.10 1.79
C ALA D 140 17.07 -15.56 2.49
N GLY D 141 15.90 -15.13 2.00
CA GLY D 141 14.65 -15.58 2.59
C GLY D 141 14.50 -17.09 2.54
N LYS D 142 14.75 -17.65 1.35
CA LYS D 142 14.68 -19.10 1.18
C LYS D 142 15.64 -19.81 2.13
N GLU D 143 16.86 -19.30 2.23
CA GLU D 143 17.84 -19.89 3.16
C GLU D 143 17.36 -19.78 4.61
N MET D 144 16.74 -18.65 4.95
CA MET D 144 16.20 -18.47 6.30
C MET D 144 15.18 -19.54 6.62
N VAL D 145 14.27 -19.81 5.69
CA VAL D 145 13.24 -20.82 5.95
C VAL D 145 13.91 -22.19 6.06
N LYS D 146 14.93 -22.43 5.24
CA LYS D 146 15.68 -23.67 5.36
C LYS D 146 16.36 -23.80 6.76
N GLN D 147 16.82 -22.69 7.31
CA GLN D 147 17.55 -22.75 8.56
C GLN D 147 16.65 -22.84 9.79
N ILE D 148 15.53 -22.12 9.84
CA ILE D 148 14.70 -22.15 11.05
C ILE D 148 13.26 -22.63 10.85
N GLY D 149 12.88 -22.98 9.63
CA GLY D 149 11.54 -23.46 9.39
C GLY D 149 10.57 -22.35 9.04
N THR D 150 9.28 -22.64 9.09
CA THR D 150 8.28 -21.70 8.61
C THR D 150 7.62 -20.87 9.71
N SER D 151 7.93 -21.15 10.96
CA SER D 151 7.41 -20.32 12.05
C SER D 151 8.54 -19.83 12.96
N GLY D 152 8.42 -18.60 13.45
CA GLY D 152 9.44 -18.02 14.29
C GLY D 152 9.59 -16.53 14.06
N ASN D 153 10.45 -15.90 14.86
CA ASN D 153 10.64 -14.47 14.80
C ASN D 153 12.02 -14.08 14.27
N VAL D 154 12.02 -13.06 13.42
CA VAL D 154 13.21 -12.61 12.75
C VAL D 154 13.41 -11.13 12.99
N ALA D 155 14.66 -10.75 13.23
CA ALA D 155 15.00 -9.33 13.30
C ALA D 155 15.99 -9.01 12.21
N ILE D 156 15.91 -7.80 11.67
CA ILE D 156 16.75 -7.39 10.57
C ILE D 156 17.71 -6.26 10.95
N VAL D 157 18.99 -6.45 10.60
CA VAL D 157 19.99 -5.40 10.77
C VAL D 157 20.48 -5.00 9.39
N MET D 158 20.17 -3.78 8.96
CA MET D 158 20.56 -3.37 7.61
C MET D 158 21.59 -2.24 7.66
N GLY D 159 22.39 -2.13 6.61
CA GLY D 159 23.50 -1.21 6.60
C GLY D 159 23.11 0.16 6.08
N GLY D 160 22.15 0.78 6.76
CA GLY D 160 21.64 2.06 6.35
C GLY D 160 20.18 1.93 5.96
N LYS D 161 19.32 2.70 6.63
CA LYS D 161 17.87 2.62 6.41
C LYS D 161 17.43 3.09 5.02
N ASN D 162 18.07 4.14 4.51
CA ASN D 162 17.66 4.70 3.22
C ASN D 162 18.68 4.42 2.13
N VAL D 163 19.30 3.25 2.20
CA VAL D 163 20.30 2.87 1.24
C VAL D 163 19.67 1.93 0.24
N LYS D 164 19.78 2.28 -1.04
CA LYS D 164 19.10 1.59 -2.13
C LYS D 164 19.19 0.05 -2.08
N ASN D 165 20.39 -0.52 -2.15
CA ASN D 165 20.48 -1.99 -2.25
C ASN D 165 20.18 -2.69 -0.91
N GLN D 166 20.25 -1.96 0.20
CA GLN D 166 19.83 -2.47 1.49
C GLN D 166 18.30 -2.64 1.52
N LYS D 167 17.60 -1.60 1.08
CA LYS D 167 16.14 -1.67 0.94
C LYS D 167 15.72 -2.75 -0.06
N GLU D 168 16.47 -2.91 -1.15
CA GLU D 168 16.14 -3.94 -2.14
C GLU D 168 16.26 -5.33 -1.55
N ARG D 169 17.33 -5.56 -0.80
CA ARG D 169 17.51 -6.85 -0.13
C ARG D 169 16.42 -7.12 0.93
N VAL D 170 16.09 -6.10 1.73
CA VAL D 170 15.03 -6.27 2.70
C VAL D 170 13.69 -6.56 1.99
N GLU D 171 13.45 -5.88 0.88
CA GLU D 171 12.24 -6.07 0.11
C GLU D 171 12.09 -7.50 -0.43
N GLY D 172 13.16 -8.03 -1.01
CA GLY D 172 13.13 -9.38 -1.56
C GLY D 172 12.96 -10.42 -0.46
N PHE D 173 13.70 -10.20 0.63
CA PHE D 173 13.59 -11.07 1.80
C PHE D 173 12.17 -11.10 2.34
N THR D 174 11.60 -9.91 2.53
CA THR D 174 10.28 -9.76 3.12
C THR D 174 9.23 -10.40 2.20
N GLN D 175 9.33 -10.16 0.89
CA GLN D 175 8.41 -10.80 -0.06
C GLN D 175 8.46 -12.31 0.06
N TYR D 176 9.68 -12.83 0.06
CA TYR D 176 9.84 -14.27 0.07
C TYR D 176 9.24 -14.90 1.33
N ILE D 177 9.59 -14.38 2.51
CA ILE D 177 9.12 -15.05 3.70
C ILE D 177 7.62 -14.82 3.90
N LYS D 178 7.12 -13.71 3.37
CA LYS D 178 5.68 -13.47 3.46
C LYS D 178 4.93 -14.53 2.65
N SER D 179 5.44 -14.83 1.46
CA SER D 179 4.74 -15.81 0.62
C SER D 179 5.00 -17.27 0.98
N ASN D 180 6.15 -17.57 1.57
CA ASN D 180 6.61 -18.96 1.70
C ASN D 180 6.72 -19.47 3.14
N SER D 181 6.23 -18.69 4.10
CA SER D 181 6.32 -19.07 5.50
C SER D 181 5.36 -18.26 6.35
N ASN D 182 5.39 -18.51 7.66
CA ASN D 182 4.67 -17.69 8.63
C ASN D 182 5.63 -16.88 9.51
N LEU D 183 6.88 -16.76 9.08
CA LEU D 183 7.89 -15.99 9.82
C LEU D 183 7.46 -14.56 10.01
N LYS D 184 7.74 -14.02 11.20
CA LYS D 184 7.41 -12.64 11.48
C LYS D 184 8.69 -11.81 11.63
N ILE D 185 8.73 -10.67 10.96
CA ILE D 185 9.78 -9.69 11.18
C ILE D 185 9.34 -8.80 12.33
N VAL D 186 9.99 -8.95 13.47
CA VAL D 186 9.54 -8.25 14.69
C VAL D 186 10.32 -6.96 14.98
N ASP D 187 11.39 -6.73 14.22
CA ASP D 187 12.26 -5.59 14.50
C ASP D 187 13.27 -5.40 13.37
N THR D 188 13.52 -4.14 13.04
CA THR D 188 14.40 -3.77 11.94
C THR D 188 15.15 -2.51 12.32
N ASP D 189 16.47 -2.53 12.18
CA ASP D 189 17.24 -1.38 12.56
C ASP D 189 18.51 -1.31 11.74
N SER D 190 19.23 -0.21 11.92
CA SER D 190 20.31 0.12 11.01
C SER D 190 21.65 0.14 11.72
N SER D 191 22.66 -0.36 11.04
CA SER D 191 24.04 -0.27 11.52
C SER D 191 24.78 0.83 10.79
N ASP D 192 24.13 1.42 9.79
CA ASP D 192 24.80 2.31 8.84
C ASP D 192 26.08 1.70 8.24
N ALA D 193 26.10 0.36 8.13
CA ALA D 193 27.20 -0.41 7.57
C ALA D 193 28.50 -0.37 8.40
N MET D 194 28.41 0.08 9.65
CA MET D 194 29.59 0.12 10.52
C MET D 194 29.65 -1.12 11.41
N LEU D 195 30.85 -1.66 11.63
CA LEU D 195 31.01 -2.87 12.44
C LEU D 195 30.56 -2.69 13.91
N LEU D 196 31.11 -1.67 14.57
CA LEU D 196 30.85 -1.44 15.98
C LEU D 196 29.39 -1.12 16.22
N GLU D 197 28.82 -0.29 15.35
CA GLU D 197 27.41 0.07 15.50
C GLU D 197 26.53 -1.14 15.26
N ALA D 198 26.94 -2.04 14.36
CA ALA D 198 26.21 -3.30 14.16
C ALA D 198 26.16 -4.09 15.45
N GLU D 199 27.31 -4.16 16.12
CA GLU D 199 27.35 -4.86 17.41
C GLU D 199 26.41 -4.22 18.44
N ILE D 200 26.43 -2.89 18.50
CA ILE D 200 25.63 -2.17 19.47
C ILE D 200 24.12 -2.34 19.19
N ILE D 201 23.72 -2.19 17.94
CA ILE D 201 22.32 -2.26 17.58
C ILE D 201 21.82 -3.71 17.72
N THR D 202 22.67 -4.68 17.40
CA THR D 202 22.23 -6.06 17.54
C THR D 202 22.03 -6.36 19.02
N ARG D 203 22.94 -5.90 19.87
CA ARG D 203 22.73 -5.99 21.33
C ARG D 203 21.39 -5.38 21.77
N LYS D 204 21.10 -4.17 21.28
CA LYS D 204 19.83 -3.51 21.61
C LYS D 204 18.61 -4.33 21.16
N ILE D 205 18.70 -4.92 19.99
CA ILE D 205 17.63 -5.73 19.44
C ILE D 205 17.41 -7.01 20.26
N LEU D 206 18.49 -7.68 20.64
CA LEU D 206 18.41 -8.95 21.37
C LEU D 206 17.88 -8.75 22.79
N ASN D 207 18.14 -7.59 23.37
CA ASN D 207 17.60 -7.12 24.63
C ASN D 207 16.09 -6.64 24.67
N ARG D 208 15.59 -5.95 23.67
CA ARG D 208 14.26 -5.34 23.66
C ARG D 208 13.19 -6.17 22.99
N ASN D 209 13.58 -7.35 22.73
CA ASN D 209 12.73 -8.34 22.04
C ASN D 209 12.84 -9.70 22.73
N ASP D 210 11.71 -10.36 22.92
CA ASP D 210 11.66 -11.55 23.76
C ASP D 210 12.06 -12.86 23.06
N ASN D 211 11.49 -13.16 21.90
CA ASN D 211 11.78 -14.45 21.30
C ASN D 211 12.23 -14.37 19.84
N ILE D 212 13.38 -13.73 19.64
CA ILE D 212 14.00 -13.69 18.33
C ILE D 212 14.63 -15.03 18.02
N ASN D 213 14.23 -15.64 16.91
CA ASN D 213 14.81 -16.90 16.49
C ASN D 213 15.94 -16.71 15.49
N ALA D 214 15.96 -15.58 14.79
CA ALA D 214 17.04 -15.39 13.84
C ALA D 214 17.30 -13.92 13.50
N LEU D 215 18.52 -13.68 13.03
CA LEU D 215 18.94 -12.37 12.55
C LEU D 215 19.24 -12.41 11.05
N PHE D 216 18.75 -11.41 10.34
CA PHE D 216 19.07 -11.24 8.92
C PHE D 216 19.90 -9.95 8.79
N CYS D 217 21.15 -10.11 8.38
CA CYS D 217 22.10 -9.00 8.25
C CYS D 217 22.47 -8.78 6.79
N THR D 218 22.22 -7.54 6.33
CA THR D 218 22.16 -7.28 4.91
C THR D 218 23.39 -6.53 4.34
N SER D 219 24.34 -6.12 5.18
CA SER D 219 25.62 -5.60 4.66
C SER D 219 26.83 -6.30 5.29
N ALA D 220 27.97 -6.19 4.60
CA ALA D 220 29.13 -7.04 4.85
C ALA D 220 29.59 -7.10 6.32
N LEU D 221 29.52 -5.98 7.04
CA LEU D 221 30.02 -5.94 8.41
C LEU D 221 28.92 -6.20 9.45
N ASP D 222 27.66 -6.20 9.01
CA ASP D 222 26.53 -6.44 9.91
C ASP D 222 26.59 -7.84 10.52
N GLY D 223 26.95 -8.84 9.72
CA GLY D 223 26.99 -10.20 10.24
C GLY D 223 28.11 -10.39 11.24
N ILE D 224 29.20 -9.66 11.08
CA ILE D 224 30.31 -9.79 12.01
C ILE D 224 29.93 -9.16 13.34
N GLY D 225 29.34 -7.97 13.29
CA GLY D 225 28.86 -7.33 14.51
C GLY D 225 27.78 -8.13 15.23
N ALA D 226 26.85 -8.66 14.44
CA ALA D 226 25.77 -9.52 14.95
C ALA D 226 26.33 -10.76 15.64
N ALA D 227 27.29 -11.43 14.99
CA ALA D 227 27.91 -12.61 15.56
C ALA D 227 28.63 -12.24 16.85
N ARG D 228 29.26 -11.09 16.92
CA ARG D 228 29.87 -10.68 18.13
C ARG D 228 28.80 -10.49 19.24
N ALA D 229 27.67 -9.90 18.91
CA ALA D 229 26.59 -9.69 19.85
C ALA D 229 25.99 -10.97 20.37
N VAL D 230 25.74 -11.91 19.49
CA VAL D 230 25.16 -13.16 19.87
C VAL D 230 26.10 -13.85 20.81
N LYS D 231 27.38 -13.55 20.63
CA LYS D 231 28.45 -14.07 21.45
C LYS D 231 28.35 -13.74 22.92
N ASP D 232 28.25 -12.48 23.32
CA ASP D 232 28.17 -12.07 24.76
C ASP D 232 26.98 -12.50 25.58
N LEU D 233 25.77 -12.36 25.02
CA LEU D 233 24.44 -12.57 25.50
C LEU D 233 24.09 -14.06 25.42
N ASN D 234 25.14 -14.88 25.28
CA ASN D 234 25.10 -16.34 25.20
C ASN D 234 23.89 -16.89 24.47
N TYR D 235 23.60 -16.30 23.30
CA TYR D 235 22.45 -16.70 22.50
C TYR D 235 22.87 -17.62 21.37
N LYS D 236 24.13 -18.03 21.40
CA LYS D 236 24.57 -19.16 20.58
C LYS D 236 24.29 -20.45 21.37
N ASP D 237 23.36 -21.24 20.88
CA ASP D 237 22.64 -20.89 19.65
C ASP D 237 21.15 -21.13 19.78
N ARG D 238 20.45 -20.13 20.31
CA ARG D 238 19.01 -20.05 20.17
C ARG D 238 18.69 -18.99 19.10
N VAL D 239 19.72 -18.25 18.70
CA VAL D 239 19.57 -17.26 17.64
C VAL D 239 20.49 -17.58 16.46
N LYS D 240 19.89 -17.87 15.31
CA LYS D 240 20.70 -18.16 14.13
C LYS D 240 20.95 -16.90 13.31
N ILE D 241 22.04 -16.89 12.55
CA ILE D 241 22.42 -15.72 11.75
C ILE D 241 22.56 -16.08 10.27
N ILE D 242 21.86 -15.27 9.47
CA ILE D 242 22.03 -15.27 8.03
C ILE D 242 22.50 -13.90 7.61
N CYS D 243 23.67 -13.82 6.98
CA CYS D 243 24.22 -12.50 6.71
C CYS D 243 24.76 -12.35 5.30
N PHE D 244 25.49 -11.31 5.02
CA PHE D 244 26.03 -11.07 3.70
C PHE D 244 27.54 -11.06 3.62
N ASP D 245 28.05 -11.52 2.51
CA ASP D 245 29.44 -11.50 2.16
C ASP D 245 30.39 -12.53 2.77
N ASP D 246 31.54 -12.65 2.14
CA ASP D 246 32.51 -13.61 2.52
C ASP D 246 33.77 -13.10 3.18
N LEU D 247 33.63 -12.10 4.03
CA LEU D 247 34.77 -11.58 4.77
C LEU D 247 35.34 -12.71 5.63
N ASP D 248 36.63 -12.68 5.95
CA ASP D 248 37.25 -13.78 6.70
C ASP D 248 36.53 -14.11 8.00
N ASP D 249 36.21 -13.08 8.79
CA ASP D 249 35.53 -13.31 10.07
C ASP D 249 34.21 -14.06 9.85
N THR D 250 33.50 -13.71 8.79
CA THR D 250 32.22 -14.37 8.51
C THR D 250 32.43 -15.85 8.23
N LEU D 251 33.42 -16.18 7.40
CA LEU D 251 33.72 -17.57 7.09
C LEU D 251 34.14 -18.36 8.35
N SER D 252 34.94 -17.74 9.20
CA SER D 252 35.30 -18.36 10.48
C SER D 252 34.07 -18.59 11.35
N ASN D 253 33.13 -17.64 11.33
CA ASN D 253 31.89 -17.77 12.10
C ASN D 253 31.01 -18.87 11.54
N ILE D 254 31.12 -19.13 10.24
CA ILE D 254 30.34 -20.21 9.68
C ILE D 254 30.96 -21.52 10.15
N ARG D 255 32.29 -21.58 10.14
CA ARG D 255 33.00 -22.76 10.61
C ARG D 255 32.75 -23.03 12.10
N ASN D 256 32.58 -21.97 12.89
CA ASN D 256 32.38 -22.06 14.34
C ASN D 256 30.95 -22.41 14.73
N GLY D 257 29.99 -22.08 13.87
CA GLY D 257 28.59 -22.31 14.18
C GLY D 257 27.86 -21.06 14.61
N LEU D 258 28.59 -19.96 14.82
CA LEU D 258 27.97 -18.69 15.17
C LEU D 258 27.10 -18.12 14.04
N VAL D 259 27.47 -18.40 12.79
CA VAL D 259 26.68 -17.93 11.65
C VAL D 259 26.23 -19.14 10.85
N SER D 260 24.94 -19.20 10.48
CA SER D 260 24.39 -20.37 9.81
C SER D 260 24.57 -20.26 8.31
N ALA D 261 24.43 -19.06 7.76
CA ALA D 261 24.67 -18.94 6.31
C ALA D 261 25.06 -17.53 5.91
N THR D 262 25.83 -17.42 4.83
CA THR D 262 26.10 -16.10 4.31
C THR D 262 25.87 -16.07 2.81
N ILE D 263 25.44 -14.92 2.31
CA ILE D 263 25.14 -14.76 0.90
C ILE D 263 26.31 -14.05 0.23
N VAL D 264 27.01 -14.78 -0.62
CA VAL D 264 28.28 -14.33 -1.15
C VAL D 264 28.11 -13.66 -2.51
N GLN D 265 28.55 -12.40 -2.57
CA GLN D 265 28.73 -11.65 -3.81
C GLN D 265 30.19 -11.79 -4.26
N LYS D 266 30.46 -11.49 -5.53
CA LYS D 266 31.80 -11.60 -6.10
C LYS D 266 32.47 -10.22 -6.19
N SER D 267 32.86 -9.65 -5.06
CA SER D 267 33.33 -8.27 -5.00
C SER D 267 34.55 -8.00 -5.89
N ASN D 268 35.56 -8.86 -5.76
CA ASN D 268 36.78 -8.70 -6.54
C ASN D 268 36.50 -8.70 -8.06
N GLU D 269 35.69 -9.66 -8.49
CA GLU D 269 35.29 -9.79 -9.89
C GLU D 269 34.48 -8.56 -10.33
N MET D 270 33.69 -7.96 -9.45
CA MET D 270 32.99 -6.77 -9.80
C MET D 270 33.96 -5.61 -10.11
N GLY D 271 34.95 -5.37 -9.24
CA GLY D 271 35.97 -4.37 -9.55
C GLY D 271 36.67 -4.62 -10.90
N TYR D 272 37.09 -5.87 -11.06
CA TYR D 272 37.78 -6.32 -12.27
C TYR D 272 36.95 -6.05 -13.54
N ARG D 273 35.70 -6.53 -13.54
CA ARG D 273 34.81 -6.37 -14.68
C ARG D 273 34.52 -4.92 -15.00
N ALA D 274 34.24 -4.13 -13.97
CA ALA D 274 33.95 -2.71 -14.17
C ALA D 274 35.08 -1.99 -14.89
N VAL D 275 36.32 -2.21 -14.44
CA VAL D 275 37.43 -1.56 -15.10
C VAL D 275 37.59 -2.08 -16.54
N ASN D 276 37.44 -3.38 -16.74
CA ASN D 276 37.53 -3.88 -18.12
C ASN D 276 36.44 -3.31 -19.06
N ILE D 277 35.25 -3.09 -18.52
CA ILE D 277 34.17 -2.52 -19.31
C ILE D 277 34.48 -1.07 -19.70
N ILE D 278 34.93 -0.28 -18.74
CA ILE D 278 35.33 1.08 -19.06
C ILE D 278 36.44 1.08 -20.13
N MET D 279 37.45 0.26 -19.95
CA MET D 279 38.57 0.26 -20.89
C MET D 279 38.14 -0.19 -22.28
N ASP D 280 37.21 -1.14 -22.34
CA ASP D 280 36.67 -1.57 -23.63
C ASP D 280 35.92 -0.42 -24.30
N LYS D 281 35.17 0.34 -23.51
CA LYS D 281 34.47 1.49 -24.07
C LYS D 281 35.47 2.50 -24.63
N ILE D 282 36.51 2.81 -23.87
CA ILE D 282 37.52 3.78 -24.32
C ILE D 282 38.28 3.32 -25.57
N GLU D 283 38.43 2.01 -25.74
CA GLU D 283 39.23 1.47 -26.85
C GLU D 283 38.42 1.03 -28.07
N GLY D 284 37.12 1.31 -28.07
CA GLY D 284 36.32 1.09 -29.27
C GLY D 284 35.79 -0.30 -29.48
N LYS D 285 35.64 -1.06 -28.39
CA LYS D 285 34.99 -2.36 -28.39
C LYS D 285 33.65 -2.05 -27.72
N SER D 292 24.00 -8.95 -18.22
CA SER D 292 23.89 -10.05 -17.26
C SER D 292 24.44 -9.70 -15.84
N LEU D 293 23.61 -9.89 -14.86
CA LEU D 293 23.91 -9.59 -13.46
C LEU D 293 24.65 -10.75 -12.83
N ILE D 294 25.38 -10.47 -11.75
CA ILE D 294 26.21 -11.49 -11.12
C ILE D 294 25.43 -12.24 -10.04
N ASP D 295 25.38 -13.57 -10.15
CA ASP D 295 24.60 -14.34 -9.18
C ASP D 295 25.31 -14.45 -7.83
N VAL D 296 24.52 -14.58 -6.77
CA VAL D 296 25.08 -14.82 -5.44
C VAL D 296 25.18 -16.31 -5.23
N ASN D 297 25.97 -16.70 -4.24
CA ASN D 297 26.01 -18.10 -3.82
C ASN D 297 25.78 -18.18 -2.32
N VAL D 298 25.06 -19.18 -1.85
CA VAL D 298 24.92 -19.34 -0.40
C VAL D 298 26.06 -20.21 0.14
N ILE D 299 26.72 -19.74 1.20
CA ILE D 299 27.71 -20.57 1.88
C ILE D 299 27.19 -21.00 3.26
N ASN D 300 27.19 -22.32 3.47
CA ASN D 300 26.80 -23.01 4.70
C ASN D 300 27.99 -23.69 5.37
N LYS D 301 27.75 -24.31 6.52
CA LYS D 301 28.78 -25.03 7.29
C LYS D 301 29.57 -26.00 6.42
N SER D 302 28.85 -26.69 5.54
CA SER D 302 29.48 -27.59 4.57
C SER D 302 30.50 -26.91 3.64
N ASP D 303 30.37 -25.59 3.45
CA ASP D 303 31.16 -24.87 2.45
C ASP D 303 32.32 -24.03 3.02
#